data_6OBG
#
_entry.id   6OBG
#
_cell.length_a   59.795
_cell.length_b   77.885
_cell.length_c   92.597
_cell.angle_alpha   90.000
_cell.angle_beta   98.950
_cell.angle_gamma   90.000
#
_symmetry.space_group_name_H-M   'P 1 21 1'
#
loop_
_entity.id
_entity.type
_entity.pdbx_description
1 polymer 'Ricin A chain'
2 polymer 'VHH antibody V8E6'
3 non-polymer 'ZINC ION'
4 non-polymer 'CHLORIDE ION'
5 water water
#
loop_
_entity_poly.entity_id
_entity_poly.type
_entity_poly.pdbx_seq_one_letter_code
_entity_poly.pdbx_strand_id
1 'polypeptide(L)'
;QYPIINFTTAGATVQSYTNFIRAVRGRLTTGADVRHEIPVLPNRVGLPINQRFILVELSNHAELSVTLALDVTNAYVVGY
RAGNSAYFFHPDNQEDAEAITHLFTDVQNRYTFAFGGNYDRLEQLAGNLRENIELGNGPLEEAISALYYYSTGGTQLPTL
ARSFIICIQMISEAARFQYIEGEMRTRIRYNRRSAPDPSVITLENSWGRLSTAIQESNQGAFASPIQLQRRNGSKFSVYD
VSILIPIIALMVYRCAP
;
A,B
2 'polypeptide(L)'
;QLVETGGGLVQPGGSLRLSCAASGSIFSINAMGWYRQAPGKERELVADISSSGRINEADSVKGRFTISRDNAKNTVYLQM
NSLKPEDTAVYYCNVLAGSHYYDEYEYWGQGTQVTVS
;
C,D
#
loop_
_chem_comp.id
_chem_comp.type
_chem_comp.name
_chem_comp.formula
CL non-polymer 'CHLORIDE ION' 'Cl -1'
ZN non-polymer 'ZINC ION' 'Zn 2'
#
# COMPACT_ATOMS: atom_id res chain seq x y z
N GLN A 1 -3.98 12.20 37.72
CA GLN A 1 -2.93 11.58 36.94
C GLN A 1 -3.45 11.40 35.50
N TYR A 2 -2.61 11.70 34.50
CA TYR A 2 -3.10 11.75 33.12
C TYR A 2 -3.45 10.33 32.66
N PRO A 3 -4.36 10.18 31.70
CA PRO A 3 -4.73 8.84 31.24
C PRO A 3 -3.52 8.14 30.63
N ILE A 4 -3.41 6.84 30.89
CA ILE A 4 -2.29 6.02 30.46
C ILE A 4 -2.80 4.94 29.51
N ILE A 5 -2.11 4.75 28.39
CA ILE A 5 -2.37 3.64 27.47
C ILE A 5 -1.12 2.77 27.37
N ASN A 6 -1.29 1.46 27.50
CA ASN A 6 -0.17 0.52 27.50
C ASN A 6 -0.03 -0.20 26.17
N PHE A 7 1.21 -0.39 25.74
CA PHE A 7 1.50 -1.28 24.62
C PHE A 7 2.83 -2.00 24.87
N THR A 8 2.87 -3.27 24.48
CA THR A 8 4.08 -4.07 24.55
C THR A 8 4.40 -4.64 23.18
N THR A 9 5.67 -4.56 22.79
CA THR A 9 6.13 -5.23 21.59
C THR A 9 6.23 -6.75 21.75
N ALA A 10 6.16 -7.26 22.98
CA ALA A 10 6.34 -8.68 23.25
C ALA A 10 5.06 -9.45 22.95
N GLY A 11 5.08 -10.28 21.91
CA GLY A 11 3.88 -10.94 21.42
C GLY A 11 2.90 -10.04 20.70
N ALA A 12 3.38 -8.91 20.19
CA ALA A 12 2.54 -7.95 19.50
C ALA A 12 1.96 -8.55 18.22
N THR A 13 0.69 -8.28 17.99
CA THR A 13 -0.01 -8.70 16.78
C THR A 13 -0.53 -7.46 16.07
N VAL A 14 -0.93 -7.66 14.82
CA VAL A 14 -1.66 -6.62 14.10
C VAL A 14 -2.82 -6.12 14.94
N GLN A 15 -3.52 -7.03 15.63
CA GLN A 15 -4.68 -6.63 16.40
C GLN A 15 -4.29 -5.86 17.67
N SER A 16 -3.27 -6.33 18.39
CA SER A 16 -2.86 -5.61 19.60
C SER A 16 -2.37 -4.20 19.28
N TYR A 17 -1.67 -4.04 18.16
CA TYR A 17 -1.24 -2.72 17.72
C TYR A 17 -2.44 -1.85 17.36
N THR A 18 -3.40 -2.41 16.60
CA THR A 18 -4.59 -1.64 16.23
C THR A 18 -5.39 -1.25 17.46
N ASN A 19 -5.53 -2.17 18.43
CA ASN A 19 -6.20 -1.83 19.68
C ASN A 19 -5.52 -0.67 20.37
N PHE A 20 -4.19 -0.66 20.33
CA PHE A 20 -3.40 0.40 20.95
C PHE A 20 -3.66 1.75 20.29
N ILE A 21 -3.54 1.80 18.95
CA ILE A 21 -3.72 3.06 18.23
C ILE A 21 -5.14 3.59 18.43
N ARG A 22 -6.13 2.69 18.42
CA ARG A 22 -7.51 3.10 18.65
C ARG A 22 -7.70 3.64 20.07
N ALA A 23 -7.05 3.02 21.05
CA ALA A 23 -7.12 3.54 22.42
C ALA A 23 -6.46 4.91 22.52
N VAL A 24 -5.34 5.11 21.81
CA VAL A 24 -4.70 6.42 21.81
C VAL A 24 -5.63 7.46 21.20
N ARG A 25 -6.21 7.17 20.05
CA ARG A 25 -7.16 8.11 19.46
C ARG A 25 -8.31 8.44 20.41
N GLY A 26 -8.83 7.41 21.10
CA GLY A 26 -9.94 7.64 22.02
C GLY A 26 -9.59 8.55 23.18
N ARG A 27 -8.32 8.59 23.58
CA ARG A 27 -7.89 9.49 24.65
C ARG A 27 -7.44 10.84 24.14
N LEU A 28 -7.05 10.94 22.86
CA LEU A 28 -6.68 12.24 22.33
C LEU A 28 -7.89 13.15 22.16
N THR A 29 -9.04 12.58 21.78
CA THR A 29 -10.19 13.44 21.50
C THR A 29 -11.47 12.68 21.76
N THR A 30 -12.49 13.43 22.21
CA THR A 30 -13.81 12.85 22.37
C THR A 30 -14.42 12.42 21.04
N GLY A 31 -13.96 12.99 19.93
CA GLY A 31 -14.58 12.74 18.65
C GLY A 31 -15.89 13.44 18.43
N ALA A 32 -16.30 14.32 19.35
CA ALA A 32 -17.57 15.02 19.20
C ALA A 32 -17.48 16.17 18.19
N ASP A 33 -16.26 16.60 17.86
CA ASP A 33 -16.05 17.63 16.85
C ASP A 33 -15.57 16.90 15.60
N VAL A 34 -16.48 16.72 14.65
CA VAL A 34 -16.23 16.04 13.39
C VAL A 34 -16.49 17.04 12.26
N ARG A 35 -15.50 17.22 11.37
CA ARG A 35 -15.67 18.03 10.17
C ARG A 35 -15.52 17.13 8.95
N HIS A 36 -16.56 17.10 8.12
CA HIS A 36 -16.55 16.35 6.87
C HIS A 36 -16.09 14.93 7.14
N GLU A 37 -16.67 14.34 8.19
CA GLU A 37 -16.52 12.96 8.63
C GLU A 37 -15.21 12.70 9.38
N ILE A 38 -14.33 13.67 9.53
CA ILE A 38 -13.01 13.45 10.14
C ILE A 38 -12.99 14.11 11.51
N PRO A 39 -12.68 13.37 12.58
CA PRO A 39 -12.66 13.97 13.91
C PRO A 39 -11.51 14.97 14.09
N VAL A 40 -11.73 15.93 14.96
CA VAL A 40 -10.76 16.98 15.24
C VAL A 40 -10.28 16.86 16.68
N LEU A 41 -8.99 17.12 16.89
CA LEU A 41 -8.43 17.18 18.24
C LEU A 41 -8.97 18.40 18.98
N PRO A 42 -8.94 18.38 20.32
CA PRO A 42 -9.44 19.54 21.08
C PRO A 42 -8.71 20.83 20.72
N ASN A 43 -9.46 21.92 20.70
CA ASN A 43 -8.87 23.25 20.62
C ASN A 43 -8.00 23.52 21.85
N ARG A 44 -6.79 24.01 21.59
CA ARG A 44 -5.88 24.43 22.65
C ARG A 44 -6.46 25.61 23.45
N VAL A 45 -7.17 26.51 22.80
CA VAL A 45 -7.80 27.62 23.51
C VAL A 45 -9.00 27.09 24.29
N GLY A 46 -8.98 27.25 25.62
CA GLY A 46 -10.01 26.72 26.50
C GLY A 46 -9.68 25.37 27.12
N LEU A 47 -8.59 24.73 26.75
CA LEU A 47 -8.29 23.39 27.27
C LEU A 47 -7.54 23.48 28.59
N PRO A 48 -8.13 23.01 29.70
CA PRO A 48 -7.43 23.15 30.99
C PRO A 48 -6.24 22.21 31.08
N ILE A 49 -5.27 22.59 31.91
CA ILE A 49 -4.01 21.88 31.93
C ILE A 49 -4.17 20.43 32.39
N ASN A 50 -5.15 20.14 33.27
CA ASN A 50 -5.35 18.76 33.73
C ASN A 50 -5.92 17.84 32.65
N GLN A 51 -6.15 18.33 31.44
CA GLN A 51 -6.62 17.53 30.33
C GLN A 51 -5.69 17.66 29.12
N ARG A 52 -4.53 18.27 29.31
CA ARG A 52 -3.67 18.64 28.19
C ARG A 52 -2.91 17.44 27.60
N PHE A 53 -2.70 16.38 28.38
CA PHE A 53 -1.74 15.34 28.00
C PHE A 53 -2.31 13.94 28.21
N ILE A 54 -1.77 12.99 27.45
CA ILE A 54 -1.96 11.56 27.71
C ILE A 54 -0.60 10.88 27.74
N LEU A 55 -0.57 9.71 28.39
CA LEU A 55 0.67 8.97 28.63
C LEU A 55 0.58 7.63 27.92
N VAL A 56 1.63 7.30 27.16
CA VAL A 56 1.72 6.03 26.47
C VAL A 56 2.89 5.25 27.08
N GLU A 57 2.59 4.19 27.83
CA GLU A 57 3.63 3.36 28.42
C GLU A 57 3.97 2.20 27.47
N LEU A 58 5.23 2.16 27.04
CA LEU A 58 5.74 1.17 26.11
C LEU A 58 6.65 0.18 26.83
N SER A 59 6.44 -1.14 26.62
CA SER A 59 7.29 -2.18 27.16
C SER A 59 7.76 -3.09 26.04
N ASN A 60 8.85 -3.85 26.28
CA ASN A 60 9.35 -4.79 25.29
C ASN A 60 9.68 -6.13 25.94
N HIS A 61 10.36 -7.00 25.17
CA HIS A 61 10.70 -8.33 25.67
C HIS A 61 11.64 -8.27 26.87
N ALA A 62 12.54 -7.29 26.91
CA ALA A 62 13.51 -7.12 28.00
C ALA A 62 12.88 -6.59 29.28
N GLU A 63 11.56 -6.45 29.32
CA GLU A 63 10.84 -5.82 30.43
C GLU A 63 11.36 -4.43 30.73
N LEU A 64 11.85 -3.74 29.71
CA LEU A 64 12.15 -2.34 29.81
C LEU A 64 10.92 -1.55 29.44
N SER A 65 10.68 -0.45 30.15
CA SER A 65 9.46 0.32 29.97
C SER A 65 9.79 1.80 29.98
N VAL A 66 9.18 2.55 29.06
CA VAL A 66 9.24 4.00 29.04
C VAL A 66 7.82 4.51 28.85
N THR A 67 7.57 5.74 29.29
CA THR A 67 6.25 6.33 29.21
C THR A 67 6.35 7.62 28.42
N LEU A 68 5.72 7.65 27.25
CA LEU A 68 5.70 8.86 26.43
C LEU A 68 4.54 9.76 26.82
N ALA A 69 4.78 11.08 26.75
CA ALA A 69 3.75 12.07 26.99
C ALA A 69 3.32 12.66 25.65
N LEU A 70 2.02 12.62 25.38
CA LEU A 70 1.48 13.18 24.16
C LEU A 70 0.56 14.36 24.49
N ASP A 71 0.72 15.43 23.73
CA ASP A 71 -0.13 16.63 23.82
C ASP A 71 -1.41 16.38 23.05
N VAL A 72 -2.56 16.39 23.74
CA VAL A 72 -3.80 16.01 23.07
C VAL A 72 -4.20 16.97 21.97
N THR A 73 -3.63 18.19 21.95
CA THR A 73 -4.01 19.14 20.91
C THR A 73 -3.34 18.85 19.57
N ASN A 74 -2.34 17.98 19.53
CA ASN A 74 -1.63 17.71 18.29
C ASN A 74 -1.07 16.29 18.20
N ALA A 75 -1.27 15.44 19.22
CA ALA A 75 -0.84 14.05 19.24
C ALA A 75 0.68 13.89 19.23
N TYR A 76 1.43 14.97 19.37
N TYR A 76 1.43 14.96 19.42
CA TYR A 76 2.87 14.83 19.22
CA TYR A 76 2.87 14.94 19.26
C TYR A 76 3.52 14.48 20.56
C TYR A 76 3.60 14.61 20.56
N VAL A 77 4.67 13.85 20.46
CA VAL A 77 5.43 13.41 21.62
C VAL A 77 6.20 14.59 22.19
N VAL A 78 5.90 14.93 23.44
CA VAL A 78 6.49 16.07 24.14
C VAL A 78 7.73 15.68 24.95
N GLY A 79 7.76 14.46 25.46
CA GLY A 79 8.84 14.00 26.29
C GLY A 79 8.53 12.59 26.76
N TYR A 80 9.38 12.07 27.65
CA TYR A 80 9.16 10.72 28.14
C TYR A 80 9.82 10.54 29.49
N ARG A 81 9.33 9.55 30.25
CA ARG A 81 9.92 9.16 31.52
C ARG A 81 10.48 7.75 31.42
N ALA A 82 11.65 7.55 32.02
CA ALA A 82 12.21 6.21 32.19
C ALA A 82 12.77 6.16 33.60
N GLY A 83 12.11 5.41 34.47
CA GLY A 83 12.57 5.31 35.85
C GLY A 83 12.41 6.63 36.57
N ASN A 84 13.50 7.09 37.17
CA ASN A 84 13.50 8.31 37.96
C ASN A 84 13.94 9.54 37.17
N SER A 85 13.86 9.50 35.84
CA SER A 85 14.28 10.62 35.00
C SER A 85 13.25 10.90 33.92
N ALA A 86 13.01 12.18 33.65
CA ALA A 86 12.15 12.58 32.53
C ALA A 86 12.95 13.45 31.56
N TYR A 87 12.61 13.36 30.29
CA TYR A 87 13.33 14.04 29.21
C TYR A 87 12.31 14.75 28.35
N PHE A 88 12.56 16.03 28.02
CA PHE A 88 11.61 16.84 27.27
C PHE A 88 12.30 17.50 26.10
N PHE A 89 11.63 17.51 24.95
CA PHE A 89 12.11 18.32 23.83
C PHE A 89 12.11 19.78 24.25
N HIS A 90 12.99 20.54 23.64
CA HIS A 90 13.09 21.96 23.97
C HIS A 90 11.80 22.66 23.57
N PRO A 91 11.15 23.38 24.48
CA PRO A 91 9.89 24.04 24.13
C PRO A 91 10.13 25.21 23.18
N ASP A 92 9.12 25.49 22.35
CA ASP A 92 9.20 26.60 21.40
C ASP A 92 9.06 27.94 22.11
N ASN A 93 8.11 28.05 23.02
CA ASN A 93 7.77 29.31 23.68
C ASN A 93 7.53 29.01 25.15
N GLN A 94 7.42 30.06 25.95
CA GLN A 94 7.31 29.83 27.39
C GLN A 94 5.96 29.25 27.80
N GLU A 95 4.95 29.31 26.94
CA GLU A 95 3.69 28.64 27.27
C GLU A 95 3.84 27.13 27.20
N ASP A 96 4.47 26.62 26.14
CA ASP A 96 4.74 25.19 26.10
C ASP A 96 5.68 24.79 27.24
N ALA A 97 6.64 25.64 27.56
CA ALA A 97 7.54 25.36 28.69
C ALA A 97 6.76 25.19 29.98
N GLU A 98 5.80 26.08 30.24
CA GLU A 98 5.03 25.96 31.48
C GLU A 98 4.16 24.70 31.48
N ALA A 99 3.56 24.35 30.33
CA ALA A 99 2.69 23.18 30.29
C ALA A 99 3.42 21.91 30.74
N ILE A 100 4.63 21.68 30.21
CA ILE A 100 5.32 20.42 30.48
C ILE A 100 5.79 20.27 31.93
N THR A 101 5.85 21.38 32.69
CA THR A 101 6.12 21.23 34.13
C THR A 101 5.00 20.50 34.84
N HIS A 102 3.85 20.31 34.19
CA HIS A 102 2.77 19.53 34.78
C HIS A 102 2.90 18.05 34.51
N LEU A 103 3.97 17.62 33.85
CA LEU A 103 4.15 16.22 33.49
C LEU A 103 5.17 15.56 34.40
N PHE A 104 4.89 14.34 34.81
CA PHE A 104 5.81 13.55 35.64
C PHE A 104 6.28 14.36 36.84
N THR A 105 5.34 14.99 37.54
CA THR A 105 5.71 15.96 38.56
C THR A 105 6.54 15.34 39.68
N ASP A 106 6.28 14.07 40.00
CA ASP A 106 7.04 13.43 41.08
C ASP A 106 8.39 12.90 40.62
N VAL A 107 8.77 13.07 39.36
CA VAL A 107 10.02 12.48 38.89
C VAL A 107 11.19 13.21 39.57
N GLN A 108 12.25 12.46 39.85
CA GLN A 108 13.38 13.02 40.58
C GLN A 108 14.23 13.95 39.72
N ASN A 109 14.46 13.57 38.47
CA ASN A 109 15.35 14.31 37.59
C ASN A 109 14.62 14.65 36.30
N ARG A 110 14.69 15.92 35.90
CA ARG A 110 14.02 16.40 34.69
C ARG A 110 15.07 16.99 33.77
N TYR A 111 15.11 16.55 32.51
CA TYR A 111 16.11 17.04 31.57
C TYR A 111 15.42 17.61 30.35
N THR A 112 15.84 18.79 29.91
CA THR A 112 15.32 19.40 28.70
C THR A 112 16.43 19.40 27.66
N PHE A 113 16.18 18.72 26.54
CA PHE A 113 17.12 18.71 25.43
C PHE A 113 17.27 20.12 24.87
N ALA A 114 18.42 20.37 24.21
CA ALA A 114 18.61 21.65 23.55
C ALA A 114 17.84 21.76 22.25
N PHE A 115 17.35 20.64 21.72
CA PHE A 115 16.70 20.56 20.42
C PHE A 115 15.21 20.29 20.58
N GLY A 116 14.45 20.64 19.54
CA GLY A 116 13.05 20.28 19.49
C GLY A 116 12.85 18.94 18.81
N GLY A 117 11.59 18.48 18.80
CA GLY A 117 11.30 17.18 18.24
C GLY A 117 10.87 17.22 16.78
N ASN A 118 11.20 18.29 16.06
CA ASN A 118 10.83 18.37 14.65
C ASN A 118 11.72 17.44 13.82
N TYR A 119 11.14 16.90 12.75
CA TYR A 119 11.79 15.84 11.98
C TYR A 119 13.13 16.28 11.42
N ASP A 120 13.23 17.51 10.91
CA ASP A 120 14.50 17.95 10.33
C ASP A 120 15.63 17.84 11.34
N ARG A 121 15.42 18.38 12.54
CA ARG A 121 16.48 18.39 13.54
C ARG A 121 16.79 16.97 14.01
N LEU A 122 15.76 16.15 14.25
CA LEU A 122 15.98 14.76 14.64
C LEU A 122 16.76 13.98 13.59
N GLU A 123 16.47 14.21 12.30
CA GLU A 123 17.23 13.52 11.25
C GLU A 123 18.69 13.95 11.23
N GLN A 124 18.96 15.25 11.44
CA GLN A 124 20.34 15.71 11.58
C GLN A 124 21.04 14.98 12.72
N LEU A 125 20.39 14.91 13.89
CA LEU A 125 21.00 14.28 15.06
C LEU A 125 21.17 12.77 14.84
N ALA A 126 20.20 12.13 14.21
CA ALA A 126 20.31 10.69 13.96
C ALA A 126 21.30 10.39 12.84
N GLY A 127 21.66 11.38 12.03
CA GLY A 127 22.51 11.12 10.89
C GLY A 127 21.85 10.34 9.78
N ASN A 128 20.51 10.33 9.73
CA ASN A 128 19.76 9.63 8.70
C ASN A 128 18.41 10.30 8.51
N LEU A 129 17.95 10.34 7.27
CA LEU A 129 16.59 10.75 6.97
C LEU A 129 15.61 9.65 7.38
N ARG A 130 14.33 10.04 7.49
CA ARG A 130 13.28 9.06 7.73
C ARG A 130 13.27 7.95 6.68
N GLU A 131 13.64 8.25 5.44
CA GLU A 131 13.66 7.27 4.35
C GLU A 131 14.66 6.15 4.56
N ASN A 132 15.57 6.28 5.52
CA ASN A 132 16.60 5.27 5.77
C ASN A 132 16.55 4.74 7.19
N ILE A 133 15.43 4.91 7.89
CA ILE A 133 15.26 4.42 9.26
C ILE A 133 14.08 3.47 9.24
N GLU A 134 14.36 2.17 9.39
CA GLU A 134 13.32 1.17 9.26
C GLU A 134 12.32 1.26 10.40
N LEU A 135 11.04 1.01 10.09
CA LEU A 135 9.95 0.96 11.04
C LEU A 135 9.40 -0.45 11.13
N GLY A 136 8.72 -0.74 12.24
CA GLY A 136 8.16 -2.05 12.49
C GLY A 136 8.27 -2.38 13.97
N ASN A 137 7.91 -3.62 14.31
CA ASN A 137 7.91 -4.03 15.70
C ASN A 137 9.33 -4.18 16.24
N GLY A 138 10.24 -4.72 15.44
CA GLY A 138 11.64 -4.82 15.81
C GLY A 138 12.24 -3.46 16.13
N PRO A 139 12.18 -2.52 15.18
CA PRO A 139 12.64 -1.15 15.47
C PRO A 139 12.00 -0.55 16.71
N LEU A 140 10.68 -0.71 16.88
CA LEU A 140 10.03 -0.19 18.07
C LEU A 140 10.58 -0.86 19.33
N GLU A 141 10.85 -2.17 19.25
CA GLU A 141 11.45 -2.89 20.36
C GLU A 141 12.81 -2.29 20.72
N GLU A 142 13.64 -2.00 19.71
CA GLU A 142 14.96 -1.44 19.94
C GLU A 142 14.88 0.03 20.37
N ALA A 143 13.89 0.79 19.88
CA ALA A 143 13.72 2.17 20.30
C ALA A 143 13.38 2.24 21.79
N ILE A 144 12.52 1.34 22.27
CA ILE A 144 12.15 1.35 23.68
C ILE A 144 13.38 1.14 24.55
N SER A 145 14.20 0.13 24.23
CA SER A 145 15.43 -0.08 25.01
C SER A 145 16.37 1.12 24.92
N ALA A 146 16.55 1.70 23.74
CA ALA A 146 17.40 2.87 23.59
C ALA A 146 16.92 4.03 24.46
N LEU A 147 15.61 4.33 24.43
CA LEU A 147 15.09 5.39 25.28
C LEU A 147 15.36 5.11 26.75
N TYR A 148 15.17 3.84 27.16
CA TYR A 148 15.37 3.47 28.56
C TYR A 148 16.82 3.67 28.98
N TYR A 149 17.76 3.19 28.16
CA TYR A 149 19.15 3.24 28.56
C TYR A 149 19.77 4.61 28.35
N TYR A 150 19.06 5.55 27.73
CA TYR A 150 19.55 6.92 27.74
C TYR A 150 19.71 7.40 29.18
N SER A 151 18.77 7.04 30.06
CA SER A 151 18.79 7.53 31.43
C SER A 151 19.91 6.93 32.26
N THR A 152 20.47 5.79 31.84
CA THR A 152 21.61 5.18 32.53
C THR A 152 22.95 5.56 31.91
N GLY A 153 22.94 6.23 30.75
CA GLY A 153 24.14 6.63 30.06
C GLY A 153 24.56 5.74 28.91
N GLY A 154 23.78 4.71 28.58
CA GLY A 154 24.16 3.74 27.58
C GLY A 154 23.67 4.00 26.17
N THR A 155 22.91 5.05 25.95
CA THR A 155 22.39 5.38 24.62
C THR A 155 23.05 6.69 24.18
N GLN A 156 23.70 6.66 23.02
CA GLN A 156 24.31 7.85 22.48
C GLN A 156 23.26 8.67 21.73
N LEU A 157 23.60 9.93 21.47
CA LEU A 157 22.61 10.86 20.94
C LEU A 157 22.05 10.45 19.57
N PRO A 158 22.86 10.05 18.58
CA PRO A 158 22.26 9.63 17.30
C PRO A 158 21.26 8.49 17.42
N THR A 159 21.57 7.49 18.26
CA THR A 159 20.62 6.40 18.52
C THR A 159 19.34 6.92 19.18
N LEU A 160 19.46 7.86 20.12
CA LEU A 160 18.28 8.44 20.76
C LEU A 160 17.38 9.13 19.75
N ALA A 161 17.97 9.96 18.88
CA ALA A 161 17.18 10.67 17.87
C ALA A 161 16.52 9.70 16.91
N ARG A 162 17.24 8.65 16.50
CA ARG A 162 16.63 7.61 15.67
C ARG A 162 15.44 6.96 16.39
N SER A 163 15.56 6.76 17.70
CA SER A 163 14.49 6.07 18.42
C SER A 163 13.24 6.94 18.53
N PHE A 164 13.43 8.25 18.71
CA PHE A 164 12.32 9.19 18.65
C PHE A 164 11.62 9.16 17.31
N ILE A 165 12.40 9.18 16.22
CA ILE A 165 11.82 9.13 14.88
C ILE A 165 10.94 7.89 14.72
N ILE A 166 11.39 6.75 15.23
CA ILE A 166 10.60 5.52 15.17
C ILE A 166 9.34 5.65 16.02
N CYS A 167 9.50 6.07 17.28
CA CYS A 167 8.34 6.19 18.17
C CYS A 167 7.33 7.17 17.63
N ILE A 168 7.79 8.33 17.17
CA ILE A 168 6.86 9.37 16.72
C ILE A 168 6.04 8.87 15.55
N GLN A 169 6.67 8.14 14.62
CA GLN A 169 5.93 7.68 13.45
C GLN A 169 4.97 6.57 13.81
N MET A 170 5.41 5.59 14.61
CA MET A 170 4.56 4.43 14.90
C MET A 170 3.46 4.74 15.90
N ILE A 171 3.52 5.88 16.58
CA ILE A 171 2.53 6.23 17.59
C ILE A 171 1.76 7.48 17.16
N SER A 172 2.46 8.63 17.08
CA SER A 172 1.79 9.90 16.74
C SER A 172 1.26 9.89 15.31
N GLU A 173 2.12 9.65 14.33
CA GLU A 173 1.66 9.70 12.94
C GLU A 173 0.64 8.60 12.64
N ALA A 174 0.80 7.42 13.24
CA ALA A 174 -0.19 6.36 13.05
C ALA A 174 -1.52 6.75 13.68
N ALA A 175 -1.47 7.47 14.80
CA ALA A 175 -2.70 8.03 15.37
C ALA A 175 -3.36 9.04 14.43
N ARG A 176 -2.55 9.88 13.79
CA ARG A 176 -3.08 10.93 12.93
C ARG A 176 -3.64 10.38 11.62
N PHE A 177 -3.01 9.34 11.06
CA PHE A 177 -3.33 8.85 9.74
C PHE A 177 -3.61 7.36 9.82
N GLN A 178 -4.83 6.93 9.46
CA GLN A 178 -5.06 5.49 9.46
C GLN A 178 -4.26 4.82 8.34
N TYR A 179 -3.93 5.58 7.28
CA TYR A 179 -3.01 5.07 6.28
C TYR A 179 -1.67 4.67 6.88
N ILE A 180 -1.15 5.51 7.78
CA ILE A 180 0.12 5.20 8.42
C ILE A 180 -0.05 4.05 9.41
N GLU A 181 -1.17 4.03 10.12
CA GLU A 181 -1.48 2.86 10.93
C GLU A 181 -1.51 1.61 10.04
N GLY A 182 -2.11 1.72 8.85
CA GLY A 182 -2.13 0.58 7.94
C GLY A 182 -0.74 0.16 7.52
N GLU A 183 0.13 1.14 7.26
CA GLU A 183 1.53 0.83 6.94
C GLU A 183 2.24 0.08 8.06
N MET A 184 2.00 0.48 9.31
CA MET A 184 2.61 -0.25 10.43
C MET A 184 1.98 -1.62 10.59
N ARG A 185 0.66 -1.74 10.35
CA ARG A 185 0.01 -3.04 10.41
C ARG A 185 0.60 -4.00 9.37
N THR A 186 0.85 -3.50 8.16
CA THR A 186 1.39 -4.35 7.10
C THR A 186 2.78 -4.89 7.47
N ARG A 187 3.60 -4.05 8.10
CA ARG A 187 4.93 -4.49 8.51
C ARG A 187 4.85 -5.58 9.56
N ILE A 188 3.92 -5.44 10.51
CA ILE A 188 3.74 -6.47 11.53
C ILE A 188 3.26 -7.75 10.87
N ARG A 189 2.34 -7.63 9.92
CA ARG A 189 1.75 -8.84 9.36
C ARG A 189 2.71 -9.59 8.45
N TYR A 190 3.63 -8.90 7.79
CA TYR A 190 4.62 -9.56 6.95
C TYR A 190 5.98 -9.72 7.62
N ASN A 191 6.02 -9.68 8.95
CA ASN A 191 7.27 -9.78 9.73
C ASN A 191 8.37 -8.96 9.07
N ARG A 192 8.02 -7.71 8.74
CA ARG A 192 8.89 -6.84 7.99
C ARG A 192 9.31 -5.63 8.84
N ARG A 193 10.56 -5.20 8.63
CA ARG A 193 11.03 -3.89 9.07
C ARG A 193 11.51 -3.17 7.82
N SER A 194 11.04 -1.94 7.64
CA SER A 194 11.37 -1.20 6.42
C SER A 194 11.07 0.27 6.64
N ALA A 195 11.84 1.12 5.98
CA ALA A 195 11.66 2.56 6.12
C ALA A 195 10.37 3.00 5.43
N PRO A 196 9.84 4.16 5.81
CA PRO A 196 8.67 4.70 5.09
C PRO A 196 9.07 5.19 3.71
N ASP A 197 8.16 5.02 2.76
CA ASP A 197 8.34 5.52 1.40
C ASP A 197 7.77 6.93 1.30
N PRO A 198 7.95 7.62 0.16
CA PRO A 198 7.44 9.01 0.05
C PRO A 198 5.95 9.19 0.32
N SER A 199 5.12 8.18 0.05
CA SER A 199 3.70 8.31 0.35
C SER A 199 3.45 8.53 1.84
N VAL A 200 4.29 7.95 2.69
CA VAL A 200 4.17 8.19 4.12
C VAL A 200 4.76 9.54 4.49
N ILE A 201 5.93 9.87 3.92
CA ILE A 201 6.62 11.08 4.33
C ILE A 201 5.83 12.32 3.95
N THR A 202 5.27 12.37 2.74
CA THR A 202 4.56 13.59 2.35
C THR A 202 3.29 13.77 3.16
N LEU A 203 2.66 12.69 3.60
CA LEU A 203 1.52 12.81 4.51
C LEU A 203 1.96 13.36 5.86
N GLU A 204 3.03 12.79 6.43
CA GLU A 204 3.56 13.29 7.70
C GLU A 204 3.92 14.77 7.62
N ASN A 205 4.49 15.20 6.49
CA ASN A 205 4.94 16.58 6.28
C ASN A 205 3.79 17.55 6.05
N SER A 206 2.56 17.06 5.83
CA SER A 206 1.47 17.91 5.37
C SER A 206 0.23 17.81 6.24
N TRP A 207 0.34 17.29 7.47
CA TRP A 207 -0.83 17.14 8.32
C TRP A 207 -1.53 18.47 8.59
N GLY A 208 -0.76 19.51 8.95
CA GLY A 208 -1.37 20.79 9.27
C GLY A 208 -2.06 21.44 8.09
N ARG A 209 -1.39 21.44 6.93
CA ARG A 209 -1.98 22.00 5.72
C ARG A 209 -3.20 21.19 5.25
N LEU A 210 -3.15 19.86 5.37
CA LEU A 210 -4.32 19.04 5.07
C LEU A 210 -5.47 19.34 6.02
N SER A 211 -5.16 19.50 7.32
CA SER A 211 -6.21 19.80 8.28
C SER A 211 -6.86 21.16 8.00
N THR A 212 -6.05 22.13 7.58
CA THR A 212 -6.58 23.45 7.25
C THR A 212 -7.46 23.39 6.00
N ALA A 213 -6.97 22.72 4.96
CA ALA A 213 -7.71 22.66 3.71
C ALA A 213 -9.06 22.00 3.91
N ILE A 214 -9.10 20.93 4.71
CA ILE A 214 -10.36 20.24 4.97
C ILE A 214 -11.31 21.14 5.74
N GLN A 215 -10.82 21.75 6.82
CA GLN A 215 -11.71 22.51 7.67
C GLN A 215 -12.19 23.80 7.01
N GLU A 216 -11.42 24.34 6.05
CA GLU A 216 -11.82 25.51 5.28
C GLU A 216 -12.46 25.15 3.95
N SER A 217 -12.63 23.86 3.65
CA SER A 217 -13.20 23.46 2.37
C SER A 217 -14.65 23.90 2.24
N ASN A 218 -15.11 23.99 0.99
CA ASN A 218 -16.50 24.29 0.67
C ASN A 218 -17.04 23.30 -0.35
N GLN A 219 -18.21 22.72 -0.07
CA GLN A 219 -18.82 21.73 -0.96
C GLN A 219 -17.87 20.58 -1.22
N GLY A 220 -17.03 20.26 -0.23
CA GLY A 220 -16.07 19.19 -0.33
C GLY A 220 -14.77 19.56 -1.01
N ALA A 221 -14.66 20.74 -1.60
CA ALA A 221 -13.52 21.08 -2.42
C ALA A 221 -12.55 21.98 -1.67
N PHE A 222 -11.26 21.75 -1.88
CA PHE A 222 -10.23 22.57 -1.26
C PHE A 222 -10.18 23.93 -1.96
N ALA A 223 -9.82 24.97 -1.18
CA ALA A 223 -9.58 26.28 -1.77
C ALA A 223 -8.44 26.22 -2.78
N SER A 224 -7.39 25.47 -2.47
CA SER A 224 -6.25 25.29 -3.36
C SER A 224 -5.72 23.88 -3.17
N PRO A 225 -5.15 23.27 -4.20
CA PRO A 225 -4.75 21.85 -4.08
C PRO A 225 -3.56 21.66 -3.14
N ILE A 226 -3.50 20.47 -2.57
CA ILE A 226 -2.37 20.02 -1.76
C ILE A 226 -1.68 18.88 -2.50
N GLN A 227 -0.35 18.96 -2.56
CA GLN A 227 0.44 18.02 -3.33
C GLN A 227 1.05 16.97 -2.41
N LEU A 228 0.94 15.72 -2.81
CA LEU A 228 1.49 14.58 -2.11
C LEU A 228 2.29 13.75 -3.11
N GLN A 229 3.01 12.75 -2.60
CA GLN A 229 3.77 11.86 -3.46
C GLN A 229 3.21 10.46 -3.30
N ARG A 230 3.26 9.70 -4.39
CA ARG A 230 2.91 8.29 -4.37
C ARG A 230 4.10 7.50 -3.85
N ARG A 231 3.95 6.17 -3.77
CA ARG A 231 5.05 5.33 -3.30
C ARG A 231 6.32 5.55 -4.13
N ASN A 232 6.17 5.73 -5.44
CA ASN A 232 7.31 5.90 -6.36
C ASN A 232 7.86 7.33 -6.37
N GLY A 233 7.39 8.18 -5.46
CA GLY A 233 7.87 9.54 -5.37
C GLY A 233 7.24 10.51 -6.36
N SER A 234 6.42 10.03 -7.29
CA SER A 234 5.77 10.93 -8.25
C SER A 234 4.72 11.78 -7.55
N LYS A 235 4.58 13.02 -7.99
CA LYS A 235 3.68 13.94 -7.32
C LYS A 235 2.27 13.86 -7.89
N PHE A 236 1.29 14.03 -7.00
CA PHE A 236 -0.11 14.18 -7.39
C PHE A 236 -0.76 15.15 -6.41
N SER A 237 -1.87 15.73 -6.84
CA SER A 237 -2.54 16.78 -6.09
C SER A 237 -3.92 16.32 -5.66
N VAL A 238 -4.28 16.66 -4.42
CA VAL A 238 -5.60 16.39 -3.88
C VAL A 238 -6.39 17.69 -3.83
N TYR A 239 -7.61 17.66 -4.34
CA TYR A 239 -8.51 18.81 -4.34
C TYR A 239 -9.77 18.57 -3.52
N ASP A 240 -10.01 17.35 -3.05
CA ASP A 240 -11.30 16.95 -2.51
C ASP A 240 -11.13 16.29 -1.15
N VAL A 241 -12.05 16.58 -0.23
CA VAL A 241 -12.01 15.94 1.07
C VAL A 241 -12.20 14.42 0.94
N SER A 242 -12.99 13.98 -0.04
CA SER A 242 -13.34 12.56 -0.14
C SER A 242 -12.11 11.67 -0.25
N ILE A 243 -11.07 12.13 -0.95
CA ILE A 243 -9.86 11.32 -1.09
C ILE A 243 -9.18 11.11 0.27
N LEU A 244 -9.29 12.08 1.16
CA LEU A 244 -8.57 12.03 2.42
C LEU A 244 -9.34 11.34 3.54
N ILE A 245 -10.66 11.19 3.41
CA ILE A 245 -11.42 10.54 4.49
C ILE A 245 -10.91 9.14 4.80
N PRO A 246 -10.56 8.29 3.82
CA PRO A 246 -9.94 6.99 4.16
C PRO A 246 -8.48 7.10 4.62
N ILE A 247 -7.88 8.28 4.65
CA ILE A 247 -6.44 8.43 4.85
C ILE A 247 -6.14 9.04 6.22
N ILE A 248 -6.85 10.10 6.60
CA ILE A 248 -6.61 10.86 7.82
C ILE A 248 -7.58 10.39 8.89
N ALA A 249 -7.07 10.18 10.11
CA ALA A 249 -7.92 9.74 11.21
C ALA A 249 -8.29 10.87 12.16
N LEU A 250 -7.40 11.85 12.32
CA LEU A 250 -7.56 12.98 13.21
C LEU A 250 -6.94 14.20 12.57
N MET A 251 -7.53 15.38 12.83
CA MET A 251 -6.99 16.66 12.41
C MET A 251 -6.73 17.53 13.63
N VAL A 252 -5.72 18.39 13.53
CA VAL A 252 -5.48 19.43 14.52
C VAL A 252 -6.53 20.50 14.32
N TYR A 253 -6.98 21.13 15.40
CA TYR A 253 -7.96 22.20 15.29
C TYR A 253 -7.31 23.38 14.59
N ARG A 254 -7.80 23.72 13.41
CA ARG A 254 -7.27 24.88 12.70
C ARG A 254 -8.26 26.03 12.59
N CYS A 255 -9.55 25.73 12.47
CA CYS A 255 -10.59 26.72 12.32
C CYS A 255 -11.78 26.32 13.18
N ALA A 256 -12.69 27.25 13.36
CA ALA A 256 -13.97 26.91 13.93
C ALA A 256 -14.87 26.34 12.85
N PRO A 257 -15.95 25.62 13.21
CA PRO A 257 -16.92 25.21 12.19
C PRO A 257 -18.02 26.24 11.95
N GLN B 1 0.36 -19.33 -39.27
CA GLN B 1 0.49 -18.28 -38.26
C GLN B 1 -0.72 -18.30 -37.31
N TYR B 2 -0.48 -18.03 -36.03
CA TYR B 2 -1.52 -18.26 -35.03
C TYR B 2 -2.70 -17.32 -35.26
N PRO B 3 -3.89 -17.73 -34.83
CA PRO B 3 -5.08 -16.89 -35.05
C PRO B 3 -4.96 -15.56 -34.29
N ILE B 4 -5.44 -14.50 -34.93
CA ILE B 4 -5.41 -13.15 -34.36
C ILE B 4 -6.84 -12.70 -34.12
N ILE B 5 -7.10 -12.16 -32.95
CA ILE B 5 -8.35 -11.49 -32.63
C ILE B 5 -8.04 -10.05 -32.31
N ASN B 6 -8.77 -9.14 -32.95
CA ASN B 6 -8.51 -7.71 -32.78
C ASN B 6 -9.55 -7.10 -31.84
N PHE B 7 -9.08 -6.17 -31.01
CA PHE B 7 -9.96 -5.32 -30.21
C PHE B 7 -9.30 -3.96 -30.08
N THR B 8 -10.11 -2.91 -30.14
CA THR B 8 -9.64 -1.54 -29.95
C THR B 8 -10.45 -0.85 -28.87
N THR B 9 -9.75 -0.15 -27.98
CA THR B 9 -10.42 0.70 -27.01
C THR B 9 -11.02 1.97 -27.63
N ALA B 10 -10.66 2.29 -28.88
CA ALA B 10 -11.14 3.50 -29.54
C ALA B 10 -12.55 3.27 -30.06
N GLY B 11 -13.53 3.91 -29.43
CA GLY B 11 -14.91 3.62 -29.75
C GLY B 11 -15.40 2.30 -29.21
N ALA B 12 -14.80 1.81 -28.12
CA ALA B 12 -15.23 0.53 -27.58
C ALA B 12 -16.67 0.61 -27.09
N THR B 13 -17.48 -0.38 -27.48
CA THR B 13 -18.86 -0.47 -27.06
C THR B 13 -19.09 -1.79 -26.35
N VAL B 14 -20.23 -1.87 -25.65
CA VAL B 14 -20.66 -3.14 -25.05
C VAL B 14 -20.62 -4.26 -26.07
N GLN B 15 -21.11 -4.00 -27.29
CA GLN B 15 -21.14 -5.08 -28.27
C GLN B 15 -19.76 -5.37 -28.87
N SER B 16 -18.96 -4.33 -29.13
CA SER B 16 -17.61 -4.58 -29.64
C SER B 16 -16.79 -5.40 -28.66
N TYR B 17 -16.94 -5.13 -27.36
CA TYR B 17 -16.27 -5.94 -26.35
C TYR B 17 -16.84 -7.35 -26.32
N THR B 18 -18.16 -7.48 -26.35
CA THR B 18 -18.78 -8.80 -26.33
C THR B 18 -18.40 -9.60 -27.56
N ASN B 19 -18.40 -8.96 -28.74
CA ASN B 19 -17.90 -9.63 -29.93
C ASN B 19 -16.45 -10.08 -29.75
N PHE B 20 -15.63 -9.26 -29.10
CA PHE B 20 -14.24 -9.62 -28.88
C PHE B 20 -14.12 -10.85 -27.99
N ILE B 21 -14.77 -10.83 -26.81
CA ILE B 21 -14.67 -11.94 -25.86
C ILE B 21 -15.21 -13.23 -26.47
N ARG B 22 -16.32 -13.16 -27.19
CA ARG B 22 -16.88 -14.35 -27.82
C ARG B 22 -15.95 -14.88 -28.90
N ALA B 23 -15.28 -13.98 -29.65
CA ALA B 23 -14.30 -14.45 -30.61
C ALA B 23 -13.13 -15.14 -29.93
N VAL B 24 -12.68 -14.61 -28.80
CA VAL B 24 -11.59 -15.22 -28.06
C VAL B 24 -11.96 -16.63 -27.62
N ARG B 25 -13.12 -16.77 -26.97
CA ARG B 25 -13.58 -18.09 -26.56
C ARG B 25 -13.70 -19.03 -27.75
N GLY B 26 -14.21 -18.51 -28.88
CA GLY B 26 -14.34 -19.35 -30.07
C GLY B 26 -13.00 -19.85 -30.59
N ARG B 27 -11.94 -19.07 -30.37
CA ARG B 27 -10.60 -19.52 -30.75
C ARG B 27 -9.90 -20.30 -29.65
N LEU B 28 -10.29 -20.12 -28.37
CA LEU B 28 -9.65 -20.91 -27.32
C LEU B 28 -10.06 -22.38 -27.40
N THR B 29 -11.29 -22.67 -27.79
CA THR B 29 -11.75 -24.05 -27.79
C THR B 29 -12.80 -24.22 -28.86
N THR B 30 -12.81 -25.41 -29.48
CA THR B 30 -13.86 -25.76 -30.42
C THR B 30 -15.21 -25.89 -29.74
N GLY B 31 -15.24 -26.09 -28.43
CA GLY B 31 -16.47 -26.37 -27.72
C GLY B 31 -16.99 -27.77 -27.86
N ALA B 32 -16.20 -28.70 -28.42
CA ALA B 32 -16.66 -30.07 -28.60
C ALA B 32 -16.62 -30.89 -27.31
N ASP B 33 -15.87 -30.46 -26.32
CA ASP B 33 -15.82 -31.11 -25.01
C ASP B 33 -16.62 -30.24 -24.03
N VAL B 34 -17.86 -30.63 -23.78
CA VAL B 34 -18.76 -29.87 -22.91
C VAL B 34 -19.16 -30.77 -21.75
N ARG B 35 -18.92 -30.30 -20.53
CA ARG B 35 -19.38 -31.00 -19.33
C ARG B 35 -20.40 -30.14 -18.63
N HIS B 36 -21.60 -30.67 -18.42
CA HIS B 36 -22.63 -29.97 -17.65
C HIS B 36 -22.84 -28.54 -18.17
N GLU B 37 -22.96 -28.43 -19.49
CA GLU B 37 -23.28 -27.23 -20.24
C GLU B 37 -22.08 -26.27 -20.39
N ILE B 38 -20.93 -26.55 -19.78
CA ILE B 38 -19.80 -25.62 -19.82
C ILE B 38 -18.71 -26.20 -20.70
N PRO B 39 -18.23 -25.48 -21.72
CA PRO B 39 -17.16 -26.02 -22.57
C PRO B 39 -15.85 -26.13 -21.82
N VAL B 40 -15.03 -27.09 -22.22
CA VAL B 40 -13.73 -27.34 -21.62
C VAL B 40 -12.67 -26.92 -22.62
N LEU B 41 -11.59 -26.32 -22.11
CA LEU B 41 -10.46 -25.98 -22.96
C LEU B 41 -9.75 -27.26 -23.42
N PRO B 42 -9.02 -27.18 -24.53
CA PRO B 42 -8.32 -28.38 -25.03
C PRO B 42 -7.36 -28.95 -24.00
N ASN B 43 -7.30 -30.28 -23.98
CA ASN B 43 -6.26 -31.02 -23.28
C ASN B 43 -4.92 -30.70 -23.90
N ARG B 44 -3.93 -30.41 -23.06
CA ARG B 44 -2.59 -30.12 -23.57
C ARG B 44 -1.96 -31.36 -24.20
N VAL B 45 -2.26 -32.56 -23.67
CA VAL B 45 -1.77 -33.78 -24.28
C VAL B 45 -2.58 -34.05 -25.55
N GLY B 46 -1.89 -34.09 -26.69
CA GLY B 46 -2.53 -34.22 -27.97
C GLY B 46 -2.70 -32.91 -28.73
N LEU B 47 -2.41 -31.77 -28.10
CA LEU B 47 -2.57 -30.48 -28.75
C LEU B 47 -1.28 -30.11 -29.48
N PRO B 48 -1.28 -30.01 -30.82
CA PRO B 48 -0.04 -29.67 -31.53
C PRO B 48 0.38 -28.23 -31.31
N ILE B 49 1.69 -28.01 -31.44
CA ILE B 49 2.26 -26.70 -31.11
C ILE B 49 1.72 -25.63 -32.05
N ASN B 50 1.41 -26.00 -33.29
CA ASN B 50 0.84 -25.08 -34.26
C ASN B 50 -0.60 -24.68 -33.94
N GLN B 51 -1.20 -25.24 -32.89
CA GLN B 51 -2.53 -24.87 -32.44
C GLN B 51 -2.52 -24.46 -30.97
N ARG B 52 -1.33 -24.28 -30.39
CA ARG B 52 -1.20 -24.09 -28.95
C ARG B 52 -1.62 -22.71 -28.48
N PHE B 53 -1.58 -21.70 -29.35
CA PHE B 53 -1.69 -20.31 -28.94
C PHE B 53 -2.69 -19.57 -29.83
N ILE B 54 -3.24 -18.49 -29.28
CA ILE B 54 -3.99 -17.51 -30.07
C ILE B 54 -3.45 -16.12 -29.74
N LEU B 55 -3.64 -15.20 -30.68
CA LEU B 55 -3.05 -13.87 -30.58
C LEU B 55 -4.14 -12.82 -30.44
N VAL B 56 -4.00 -11.96 -29.46
CA VAL B 56 -4.94 -10.87 -29.20
C VAL B 56 -4.21 -9.57 -29.46
N GLU B 57 -4.58 -8.89 -30.54
CA GLU B 57 -4.01 -7.59 -30.87
C GLU B 57 -4.88 -6.49 -30.27
N LEU B 58 -4.29 -5.72 -29.36
CA LEU B 58 -4.97 -4.63 -28.68
C LEU B 58 -4.45 -3.32 -29.24
N SER B 59 -5.37 -2.43 -29.63
CA SER B 59 -5.04 -1.09 -30.09
C SER B 59 -5.78 -0.08 -29.23
N ASN B 60 -5.27 1.16 -29.20
CA ASN B 60 -5.97 2.17 -28.41
C ASN B 60 -6.12 3.47 -29.18
N HIS B 61 -6.55 4.52 -28.48
CA HIS B 61 -6.82 5.82 -29.11
C HIS B 61 -5.58 6.43 -29.72
N ALA B 62 -4.40 6.17 -29.13
CA ALA B 62 -3.16 6.68 -29.71
C ALA B 62 -2.71 5.87 -30.91
N GLU B 63 -3.50 4.87 -31.34
CA GLU B 63 -3.14 3.94 -32.40
C GLU B 63 -1.82 3.23 -32.08
N LEU B 64 -1.57 3.02 -30.79
CA LEU B 64 -0.51 2.14 -30.34
C LEU B 64 -1.08 0.73 -30.24
N SER B 65 -0.27 -0.26 -30.57
CA SER B 65 -0.78 -1.62 -30.64
C SER B 65 0.19 -2.60 -29.99
N VAL B 66 -0.36 -3.52 -29.21
CA VAL B 66 0.39 -4.63 -28.64
C VAL B 66 -0.40 -5.91 -28.90
N THR B 67 0.32 -7.04 -28.97
CA THR B 67 -0.27 -8.33 -29.27
C THR B 67 0.04 -9.29 -28.13
N LEU B 68 -1.00 -9.71 -27.43
CA LEU B 68 -0.87 -10.67 -26.34
C LEU B 68 -0.99 -12.09 -26.89
N ALA B 69 -0.21 -12.99 -26.32
CA ALA B 69 -0.27 -14.41 -26.68
C ALA B 69 -0.98 -15.17 -25.55
N LEU B 70 -2.04 -15.88 -25.90
CA LEU B 70 -2.81 -16.67 -24.95
C LEU B 70 -2.63 -18.15 -25.26
N ASP B 71 -2.40 -18.95 -24.22
CA ASP B 71 -2.29 -20.40 -24.32
C ASP B 71 -3.69 -21.00 -24.28
N VAL B 72 -4.07 -21.70 -25.35
CA VAL B 72 -5.45 -22.16 -25.46
C VAL B 72 -5.82 -23.21 -24.40
N THR B 73 -4.83 -23.81 -23.73
CA THR B 73 -5.15 -24.80 -22.71
C THR B 73 -5.59 -24.17 -21.39
N ASN B 74 -5.38 -22.89 -21.23
CA ASN B 74 -5.72 -22.25 -19.97
C ASN B 74 -6.11 -20.79 -20.13
N ALA B 75 -6.08 -20.22 -21.34
CA ALA B 75 -6.43 -18.82 -21.60
C ALA B 75 -5.50 -17.83 -20.90
N TYR B 76 -4.35 -18.32 -20.46
CA TYR B 76 -3.37 -17.50 -19.74
C TYR B 76 -2.49 -16.74 -20.73
N VAL B 77 -2.18 -15.50 -20.38
CA VAL B 77 -1.27 -14.67 -21.15
C VAL B 77 0.16 -15.11 -20.85
N VAL B 78 0.85 -15.61 -21.87
CA VAL B 78 2.23 -16.05 -21.69
C VAL B 78 3.21 -14.93 -21.98
N GLY B 79 2.81 -13.97 -22.80
CA GLY B 79 3.68 -12.87 -23.16
C GLY B 79 2.98 -11.93 -24.11
N TYR B 80 3.76 -10.99 -24.65
CA TYR B 80 3.22 -10.04 -25.60
C TYR B 80 4.34 -9.52 -26.49
N ARG B 81 3.95 -9.01 -27.66
CA ARG B 81 4.84 -8.35 -28.60
C ARG B 81 4.46 -6.87 -28.72
N ALA B 82 5.48 -6.02 -28.81
CA ALA B 82 5.29 -4.61 -29.12
C ALA B 82 6.39 -4.19 -30.09
N GLY B 83 6.04 -4.05 -31.37
CA GLY B 83 7.04 -3.71 -32.37
C GLY B 83 8.03 -4.85 -32.53
N ASN B 84 9.32 -4.52 -32.44
CA ASN B 84 10.39 -5.50 -32.61
C ASN B 84 10.86 -6.10 -31.29
N SER B 85 10.01 -6.07 -30.26
CA SER B 85 10.34 -6.63 -28.96
C SER B 85 9.20 -7.48 -28.47
N ALA B 86 9.53 -8.66 -27.96
CA ALA B 86 8.59 -9.55 -27.29
C ALA B 86 9.08 -9.84 -25.88
N TYR B 87 8.13 -10.00 -24.96
CA TYR B 87 8.37 -10.21 -23.53
C TYR B 87 7.50 -11.36 -23.04
N PHE B 88 8.09 -12.28 -22.28
CA PHE B 88 7.39 -13.47 -21.82
C PHE B 88 7.52 -13.62 -20.31
N PHE B 89 6.43 -14.04 -19.66
CA PHE B 89 6.50 -14.45 -18.28
C PHE B 89 7.42 -15.65 -18.14
N HIS B 90 8.01 -15.79 -16.96
CA HIS B 90 8.90 -16.91 -16.71
C HIS B 90 8.12 -18.22 -16.80
N PRO B 91 8.56 -19.18 -17.62
CA PRO B 91 7.81 -20.43 -17.76
C PRO B 91 7.94 -21.30 -16.52
N ASP B 92 6.93 -22.16 -16.32
CA ASP B 92 6.96 -23.10 -15.20
C ASP B 92 8.00 -24.18 -15.42
N ASN B 93 8.06 -24.74 -16.63
CA ASN B 93 8.89 -25.89 -16.95
C ASN B 93 9.55 -25.67 -18.31
N GLN B 94 10.48 -26.56 -18.64
CA GLN B 94 11.16 -26.49 -19.93
C GLN B 94 10.24 -26.86 -21.08
N GLU B 95 9.10 -27.48 -20.76
CA GLU B 95 8.11 -27.78 -21.78
C GLU B 95 7.42 -26.52 -22.27
N ASP B 96 6.93 -25.69 -21.32
CA ASP B 96 6.34 -24.41 -21.68
C ASP B 96 7.38 -23.45 -22.25
N ALA B 97 8.60 -23.47 -21.71
CA ALA B 97 9.66 -22.63 -22.24
C ALA B 97 9.92 -22.95 -23.70
N GLU B 98 9.87 -24.23 -24.08
CA GLU B 98 10.06 -24.57 -25.49
C GLU B 98 8.90 -24.02 -26.32
N ALA B 99 7.67 -24.14 -25.82
CA ALA B 99 6.50 -23.71 -26.58
C ALA B 99 6.58 -22.23 -26.95
N ILE B 100 6.93 -21.36 -26.01
CA ILE B 100 6.89 -19.94 -26.31
C ILE B 100 7.95 -19.55 -27.34
N THR B 101 8.97 -20.38 -27.57
CA THR B 101 9.91 -20.08 -28.65
C THR B 101 9.24 -20.14 -30.01
N HIS B 102 8.02 -20.68 -30.11
CA HIS B 102 7.26 -20.66 -31.36
C HIS B 102 6.42 -19.39 -31.51
N LEU B 103 6.52 -18.46 -30.58
CA LEU B 103 5.73 -17.23 -30.62
C LEU B 103 6.58 -16.06 -31.06
N PHE B 104 6.00 -15.21 -31.91
CA PHE B 104 6.66 -14.00 -32.41
C PHE B 104 8.05 -14.32 -32.96
N THR B 105 8.12 -15.33 -33.82
CA THR B 105 9.41 -15.88 -34.23
C THR B 105 10.30 -14.84 -34.92
N ASP B 106 9.69 -13.94 -35.70
CA ASP B 106 10.47 -12.95 -36.44
C ASP B 106 10.83 -11.71 -35.62
N VAL B 107 10.45 -11.65 -34.34
CA VAL B 107 10.69 -10.45 -33.55
C VAL B 107 12.19 -10.29 -33.32
N GLN B 108 12.62 -9.05 -33.23
CA GLN B 108 14.05 -8.76 -33.16
C GLN B 108 14.63 -9.07 -31.78
N ASN B 109 13.90 -8.74 -30.71
CA ASN B 109 14.39 -8.90 -29.35
C ASN B 109 13.37 -9.68 -28.53
N ARG B 110 13.84 -10.72 -27.84
CA ARG B 110 13.01 -11.57 -27.00
C ARG B 110 13.53 -11.52 -25.56
N TYR B 111 12.63 -11.28 -24.61
CA TYR B 111 12.99 -11.20 -23.20
C TYR B 111 12.08 -12.08 -22.37
N THR B 112 12.67 -12.78 -21.40
CA THR B 112 11.92 -13.55 -20.43
C THR B 112 12.07 -12.88 -19.06
N PHE B 113 10.95 -12.47 -18.47
CA PHE B 113 10.99 -11.90 -17.13
C PHE B 113 11.46 -12.92 -16.11
N ALA B 114 11.99 -12.43 -14.99
CA ALA B 114 12.35 -13.30 -13.89
C ALA B 114 11.15 -13.78 -13.11
N PHE B 115 9.99 -13.17 -13.31
CA PHE B 115 8.79 -13.47 -12.55
C PHE B 115 7.75 -14.14 -13.44
N GLY B 116 6.85 -14.89 -12.80
CA GLY B 116 5.69 -15.44 -13.47
C GLY B 116 4.52 -14.48 -13.43
N GLY B 117 3.46 -14.87 -14.11
CA GLY B 117 2.27 -14.04 -14.23
C GLY B 117 1.21 -14.31 -13.18
N ASN B 118 1.59 -14.89 -12.05
CA ASN B 118 0.62 -15.14 -10.99
C ASN B 118 0.28 -13.84 -10.26
N TYR B 119 -0.97 -13.78 -9.78
CA TYR B 119 -1.49 -12.53 -9.24
C TYR B 119 -0.69 -12.04 -8.03
N ASP B 120 -0.29 -12.95 -7.14
CA ASP B 120 0.45 -12.51 -5.95
C ASP B 120 1.71 -11.76 -6.34
N ARG B 121 2.51 -12.32 -7.27
CA ARG B 121 3.75 -11.67 -7.66
C ARG B 121 3.49 -10.37 -8.41
N LEU B 122 2.53 -10.37 -9.34
CA LEU B 122 2.20 -9.15 -10.07
C LEU B 122 1.77 -8.05 -9.11
N GLU B 123 0.96 -8.38 -8.11
CA GLU B 123 0.55 -7.37 -7.14
C GLU B 123 1.73 -6.86 -6.31
N GLN B 124 2.67 -7.74 -5.94
CA GLN B 124 3.90 -7.28 -5.29
C GLN B 124 4.64 -6.27 -6.16
N LEU B 125 4.85 -6.59 -7.44
CA LEU B 125 5.57 -5.68 -8.32
C LEU B 125 4.78 -4.40 -8.56
N ALA B 126 3.46 -4.51 -8.70
CA ALA B 126 2.66 -3.31 -8.92
C ALA B 126 2.50 -2.47 -7.65
N GLY B 127 2.75 -3.04 -6.48
CA GLY B 127 2.52 -2.33 -5.24
C GLY B 127 1.06 -2.14 -4.92
N ASN B 128 0.17 -2.95 -5.50
CA ASN B 128 -1.27 -2.82 -5.28
C ASN B 128 -1.96 -4.16 -5.49
N LEU B 129 -2.98 -4.41 -4.68
CA LEU B 129 -3.86 -5.54 -4.92
C LEU B 129 -4.78 -5.26 -6.10
N ARG B 130 -5.36 -6.35 -6.64
CA ARG B 130 -6.39 -6.21 -7.67
C ARG B 130 -7.54 -5.32 -7.20
N GLU B 131 -7.84 -5.35 -5.89
CA GLU B 131 -8.93 -4.57 -5.32
C GLU B 131 -8.69 -3.07 -5.39
N ASN B 132 -7.47 -2.64 -5.72
CA ASN B 132 -7.14 -1.21 -5.77
C ASN B 132 -6.60 -0.80 -7.14
N ILE B 133 -6.87 -1.61 -8.17
CA ILE B 133 -6.45 -1.33 -9.55
C ILE B 133 -7.73 -1.27 -10.36
N GLU B 134 -8.10 -0.08 -10.84
CA GLU B 134 -9.35 0.08 -11.54
C GLU B 134 -9.33 -0.63 -12.90
N LEU B 135 -10.47 -1.19 -13.28
CA LEU B 135 -10.65 -1.83 -14.58
C LEU B 135 -11.64 -1.05 -15.42
N GLY B 136 -11.55 -1.25 -16.74
CA GLY B 136 -12.41 -0.58 -17.69
C GLY B 136 -11.65 -0.23 -18.95
N ASN B 137 -12.33 0.53 -19.82
CA ASN B 137 -11.75 0.87 -21.12
C ASN B 137 -10.58 1.85 -20.96
N GLY B 138 -10.71 2.83 -20.07
CA GLY B 138 -9.66 3.77 -19.76
C GLY B 138 -8.42 3.07 -19.23
N PRO B 139 -8.56 2.30 -18.14
CA PRO B 139 -7.41 1.49 -17.69
C PRO B 139 -6.83 0.63 -18.79
N LEU B 140 -7.68 -0.01 -19.60
CA LEU B 140 -7.17 -0.82 -20.70
C LEU B 140 -6.42 0.02 -21.72
N GLU B 141 -6.90 1.25 -21.98
CA GLU B 141 -6.19 2.17 -22.86
C GLU B 141 -4.78 2.48 -22.35
N GLU B 142 -4.66 2.74 -21.05
CA GLU B 142 -3.36 3.09 -20.48
C GLU B 142 -2.44 1.88 -20.41
N ALA B 143 -3.01 0.69 -20.19
CA ALA B 143 -2.21 -0.52 -20.10
C ALA B 143 -1.51 -0.84 -21.41
N ILE B 144 -2.22 -0.68 -22.54
CA ILE B 144 -1.61 -0.88 -23.85
C ILE B 144 -0.43 0.08 -24.03
N SER B 145 -0.64 1.36 -23.70
CA SER B 145 0.46 2.34 -23.81
C SER B 145 1.63 1.98 -22.92
N ALA B 146 1.37 1.56 -21.68
CA ALA B 146 2.45 1.12 -20.82
C ALA B 146 3.20 -0.07 -21.44
N LEU B 147 2.46 -1.08 -21.90
CA LEU B 147 3.09 -2.25 -22.54
C LEU B 147 3.91 -1.85 -23.75
N TYR B 148 3.39 -0.91 -24.54
CA TYR B 148 4.05 -0.49 -25.77
C TYR B 148 5.40 0.17 -25.49
N TYR B 149 5.42 1.06 -24.52
CA TYR B 149 6.60 1.88 -24.22
C TYR B 149 7.59 1.20 -23.30
N TYR B 150 7.29 0.00 -22.78
CA TYR B 150 8.29 -0.73 -22.00
C TYR B 150 9.55 -0.98 -22.83
N SER B 151 9.38 -1.32 -24.10
CA SER B 151 10.53 -1.63 -24.95
C SER B 151 11.37 -0.41 -25.26
N THR B 152 10.84 0.79 -25.10
CA THR B 152 11.62 1.99 -25.33
C THR B 152 12.26 2.53 -24.05
N GLY B 153 11.89 2.03 -22.89
CA GLY B 153 12.44 2.50 -21.63
C GLY B 153 11.57 3.48 -20.85
N GLY B 154 10.34 3.73 -21.28
CA GLY B 154 9.47 4.69 -20.64
C GLY B 154 8.49 4.16 -19.61
N THR B 155 8.40 2.85 -19.43
CA THR B 155 7.46 2.24 -18.48
C THR B 155 8.25 1.57 -17.36
N GLN B 156 8.03 2.02 -16.13
CA GLN B 156 8.70 1.39 -15.01
C GLN B 156 7.94 0.16 -14.54
N LEU B 157 8.64 -0.67 -13.76
CA LEU B 157 8.14 -2.02 -13.50
C LEU B 157 6.79 -2.04 -12.78
N PRO B 158 6.52 -1.22 -11.76
CA PRO B 158 5.19 -1.29 -11.14
C PRO B 158 4.05 -1.04 -12.10
N THR B 159 4.16 0.01 -12.93
CA THR B 159 3.14 0.27 -13.94
C THR B 159 3.01 -0.89 -14.91
N LEU B 160 4.13 -1.48 -15.31
CA LEU B 160 4.09 -2.65 -16.19
C LEU B 160 3.34 -3.81 -15.55
N ALA B 161 3.61 -4.09 -14.28
CA ALA B 161 2.90 -5.17 -13.58
C ALA B 161 1.42 -4.83 -13.42
N ARG B 162 1.09 -3.58 -13.06
CA ARG B 162 -0.29 -3.14 -13.01
C ARG B 162 -0.99 -3.33 -14.35
N SER B 163 -0.27 -3.08 -15.44
CA SER B 163 -0.88 -3.17 -16.76
C SER B 163 -1.16 -4.62 -17.14
N PHE B 164 -0.30 -5.55 -16.73
CA PHE B 164 -0.60 -6.96 -16.91
C PHE B 164 -1.87 -7.34 -16.16
N ILE B 165 -2.00 -6.88 -14.91
CA ILE B 165 -3.17 -7.19 -14.10
C ILE B 165 -4.44 -6.72 -14.81
N ILE B 166 -4.42 -5.54 -15.42
CA ILE B 166 -5.59 -5.03 -16.14
C ILE B 166 -5.89 -5.93 -17.34
N CYS B 167 -4.87 -6.19 -18.17
CA CYS B 167 -5.04 -6.99 -19.38
C CYS B 167 -5.53 -8.40 -19.07
N ILE B 168 -4.89 -9.05 -18.10
CA ILE B 168 -5.23 -10.45 -17.77
C ILE B 168 -6.68 -10.56 -17.34
N GLN B 169 -7.15 -9.59 -16.55
CA GLN B 169 -8.54 -9.67 -16.08
C GLN B 169 -9.53 -9.35 -17.20
N MET B 170 -9.27 -8.31 -17.99
CA MET B 170 -10.24 -7.92 -19.00
C MET B 170 -10.25 -8.84 -20.21
N ILE B 171 -9.29 -9.75 -20.31
CA ILE B 171 -9.22 -10.68 -21.44
C ILE B 171 -9.34 -12.11 -20.93
N SER B 172 -8.36 -12.57 -20.16
CA SER B 172 -8.34 -13.98 -19.72
C SER B 172 -9.52 -14.28 -18.81
N GLU B 173 -9.64 -13.53 -17.72
CA GLU B 173 -10.71 -13.80 -16.78
C GLU B 173 -12.08 -13.54 -17.41
N ALA B 174 -12.18 -12.54 -18.27
CA ALA B 174 -13.46 -12.33 -18.96
C ALA B 174 -13.78 -13.47 -19.91
N ALA B 175 -12.78 -14.02 -20.59
CA ALA B 175 -13.01 -15.24 -21.38
C ALA B 175 -13.43 -16.41 -20.50
N ARG B 176 -12.78 -16.57 -19.35
CA ARG B 176 -13.06 -17.71 -18.48
C ARG B 176 -14.43 -17.61 -17.83
N PHE B 177 -14.85 -16.40 -17.47
CA PHE B 177 -16.05 -16.16 -16.68
C PHE B 177 -16.92 -15.14 -17.40
N GLN B 178 -18.15 -15.51 -17.77
CA GLN B 178 -19.03 -14.50 -18.34
C GLN B 178 -19.50 -13.51 -17.28
N TYR B 179 -19.55 -13.92 -16.01
CA TYR B 179 -19.81 -12.95 -14.94
C TYR B 179 -18.80 -11.82 -14.97
N ILE B 180 -17.53 -12.15 -15.19
CA ILE B 180 -16.50 -11.11 -15.27
C ILE B 180 -16.62 -10.36 -16.59
N GLU B 181 -16.98 -11.07 -17.67
CA GLU B 181 -17.31 -10.36 -18.91
C GLU B 181 -18.40 -9.33 -18.66
N GLY B 182 -19.43 -9.71 -17.88
CA GLY B 182 -20.50 -8.77 -17.55
C GLY B 182 -20.01 -7.59 -16.74
N GLU B 183 -19.08 -7.82 -15.81
CA GLU B 183 -18.51 -6.72 -15.05
C GLU B 183 -17.80 -5.75 -15.97
N MET B 184 -17.05 -6.27 -16.95
CA MET B 184 -16.39 -5.38 -17.89
C MET B 184 -17.41 -4.70 -18.80
N ARG B 185 -18.48 -5.42 -19.16
CA ARG B 185 -19.55 -4.81 -19.97
C ARG B 185 -20.21 -3.64 -19.24
N THR B 186 -20.49 -3.81 -17.94
CA THR B 186 -21.14 -2.75 -17.17
C THR B 186 -20.25 -1.51 -17.09
N ARG B 187 -18.94 -1.71 -16.91
CA ARG B 187 -18.02 -0.58 -16.87
C ARG B 187 -17.97 0.13 -18.22
N ILE B 188 -18.01 -0.63 -19.31
CA ILE B 188 -17.98 -0.03 -20.64
C ILE B 188 -19.25 0.76 -20.91
N ARG B 189 -20.42 0.23 -20.55
CA ARG B 189 -21.66 0.88 -20.94
C ARG B 189 -21.91 2.17 -20.16
N TYR B 190 -21.46 2.26 -18.91
CA TYR B 190 -21.64 3.48 -18.15
C TYR B 190 -20.36 4.31 -18.12
N ASN B 191 -19.42 4.03 -19.02
CA ASN B 191 -18.12 4.70 -19.08
C ASN B 191 -17.51 4.92 -17.71
N ARG B 192 -17.42 3.83 -16.96
CA ARG B 192 -16.89 3.83 -15.61
C ARG B 192 -15.57 3.06 -15.60
N ARG B 193 -14.64 3.50 -14.75
CA ARG B 193 -13.52 2.66 -14.36
C ARG B 193 -13.60 2.44 -12.86
N SER B 194 -13.42 1.19 -12.43
CA SER B 194 -13.51 0.84 -11.02
C SER B 194 -12.86 -0.52 -10.81
N ALA B 195 -12.29 -0.71 -9.62
CA ALA B 195 -11.63 -1.96 -9.32
C ALA B 195 -12.65 -3.08 -9.18
N PRO B 196 -12.21 -4.34 -9.33
CA PRO B 196 -13.13 -5.47 -9.10
C PRO B 196 -13.41 -5.65 -7.62
N ASP B 197 -14.65 -6.01 -7.30
CA ASP B 197 -15.02 -6.27 -5.91
C ASP B 197 -14.79 -7.74 -5.58
N PRO B 198 -14.98 -8.16 -4.31
CA PRO B 198 -14.65 -9.56 -3.95
C PRO B 198 -15.39 -10.61 -4.76
N SER B 199 -16.57 -10.30 -5.30
CA SER B 199 -17.26 -11.28 -6.13
C SER B 199 -16.45 -11.67 -7.36
N VAL B 200 -15.65 -10.74 -7.89
CA VAL B 200 -14.77 -11.04 -9.02
C VAL B 200 -13.49 -11.72 -8.55
N ILE B 201 -12.91 -11.22 -7.46
CA ILE B 201 -11.60 -11.70 -7.01
C ILE B 201 -11.67 -13.17 -6.63
N THR B 202 -12.73 -13.56 -5.92
CA THR B 202 -12.82 -14.94 -5.46
C THR B 202 -13.04 -15.91 -6.63
N LEU B 203 -13.71 -15.46 -7.69
CA LEU B 203 -13.85 -16.29 -8.90
C LEU B 203 -12.50 -16.48 -9.59
N GLU B 204 -11.76 -15.38 -9.78
CA GLU B 204 -10.43 -15.47 -10.37
C GLU B 204 -9.54 -16.41 -9.57
N ASN B 205 -9.67 -16.38 -8.24
CA ASN B 205 -8.83 -17.21 -7.38
C ASN B 205 -9.25 -18.68 -7.36
N SER B 206 -10.41 -19.04 -7.91
CA SER B 206 -10.95 -20.38 -7.70
C SER B 206 -11.30 -21.10 -9.00
N TRP B 207 -10.79 -20.64 -10.15
CA TRP B 207 -11.13 -21.26 -11.43
C TRP B 207 -10.74 -22.73 -11.46
N GLY B 208 -9.54 -23.05 -10.98
CA GLY B 208 -9.10 -24.43 -11.01
C GLY B 208 -9.96 -25.32 -10.14
N ARG B 209 -10.19 -24.90 -8.89
CA ARG B 209 -11.02 -25.70 -7.99
C ARG B 209 -12.45 -25.79 -8.49
N LEU B 210 -12.99 -24.69 -9.05
CA LEU B 210 -14.32 -24.74 -9.66
C LEU B 210 -14.35 -25.71 -10.84
N SER B 211 -13.30 -25.71 -11.67
CA SER B 211 -13.26 -26.61 -12.81
C SER B 211 -13.17 -28.07 -12.37
N THR B 212 -12.44 -28.32 -11.29
CA THR B 212 -12.36 -29.67 -10.75
C THR B 212 -13.69 -30.11 -10.15
N ALA B 213 -14.30 -29.25 -9.33
CA ALA B 213 -15.53 -29.65 -8.65
C ALA B 213 -16.65 -29.97 -9.64
N ILE B 214 -16.76 -29.17 -10.70
CA ILE B 214 -17.78 -29.45 -11.72
C ILE B 214 -17.49 -30.77 -12.44
N GLN B 215 -16.25 -30.93 -12.90
CA GLN B 215 -15.93 -32.10 -13.71
C GLN B 215 -16.02 -33.38 -12.90
N GLU B 216 -15.85 -33.30 -11.59
CA GLU B 216 -16.00 -34.44 -10.69
C GLU B 216 -17.37 -34.50 -10.03
N SER B 217 -18.28 -33.60 -10.37
CA SER B 217 -19.59 -33.60 -9.75
C SER B 217 -20.36 -34.87 -10.10
N ASN B 218 -21.31 -35.22 -9.24
CA ASN B 218 -22.19 -36.34 -9.48
C ASN B 218 -23.62 -35.88 -9.27
N GLN B 219 -24.48 -36.18 -10.24
CA GLN B 219 -25.88 -35.77 -10.22
C GLN B 219 -26.03 -34.26 -9.98
N GLY B 220 -25.09 -33.48 -10.53
CA GLY B 220 -25.12 -32.05 -10.40
C GLY B 220 -24.52 -31.49 -9.13
N ALA B 221 -24.14 -32.33 -8.17
CA ALA B 221 -23.71 -31.88 -6.85
C ALA B 221 -22.20 -32.02 -6.69
N PHE B 222 -21.58 -31.03 -6.06
CA PHE B 222 -20.15 -31.10 -5.78
C PHE B 222 -19.88 -32.11 -4.69
N ALA B 223 -18.69 -32.73 -4.77
CA ALA B 223 -18.24 -33.60 -3.69
C ALA B 223 -18.11 -32.83 -2.38
N SER B 224 -17.60 -31.60 -2.45
CA SER B 224 -17.42 -30.75 -1.29
C SER B 224 -17.64 -29.32 -1.72
N PRO B 225 -18.11 -28.46 -0.83
CA PRO B 225 -18.49 -27.10 -1.24
C PRO B 225 -17.29 -26.24 -1.62
N ILE B 226 -17.54 -25.27 -2.49
CA ILE B 226 -16.57 -24.25 -2.87
C ILE B 226 -17.05 -22.93 -2.28
N GLN B 227 -16.16 -22.18 -1.65
CA GLN B 227 -16.55 -20.95 -0.97
C GLN B 227 -16.23 -19.75 -1.87
N LEU B 228 -17.22 -18.86 -2.01
CA LEU B 228 -17.06 -17.63 -2.78
C LEU B 228 -17.52 -16.47 -1.91
N GLN B 229 -17.26 -15.26 -2.40
CA GLN B 229 -17.68 -14.03 -1.72
C GLN B 229 -18.63 -13.24 -2.60
N ARG B 230 -19.59 -12.59 -1.95
CA ARG B 230 -20.50 -11.66 -2.61
C ARG B 230 -19.83 -10.29 -2.79
N ARG B 231 -20.56 -9.35 -3.39
CA ARG B 231 -20.03 -8.00 -3.59
C ARG B 231 -19.60 -7.37 -2.28
N ASN B 232 -20.38 -7.58 -1.22
CA ASN B 232 -20.06 -7.01 0.08
C ASN B 232 -19.03 -7.84 0.84
N GLY B 233 -18.40 -8.82 0.19
CA GLY B 233 -17.40 -9.64 0.84
C GLY B 233 -17.93 -10.76 1.70
N SER B 234 -19.25 -10.87 1.85
CA SER B 234 -19.83 -11.93 2.67
C SER B 234 -19.62 -13.31 2.02
N LYS B 235 -19.41 -14.31 2.86
CA LYS B 235 -19.02 -15.63 2.40
C LYS B 235 -20.26 -16.45 2.08
N PHE B 236 -20.18 -17.27 1.03
CA PHE B 236 -21.20 -18.27 0.79
C PHE B 236 -20.57 -19.47 0.10
N SER B 237 -21.22 -20.62 0.22
CA SER B 237 -20.70 -21.88 -0.30
C SER B 237 -21.60 -22.39 -1.41
N VAL B 238 -20.98 -22.87 -2.49
CA VAL B 238 -21.69 -23.44 -3.63
C VAL B 238 -21.56 -24.95 -3.58
N TYR B 239 -22.69 -25.64 -3.72
CA TYR B 239 -22.73 -27.09 -3.72
C TYR B 239 -23.25 -27.66 -5.03
N ASP B 240 -23.74 -26.82 -5.94
CA ASP B 240 -24.51 -27.27 -7.08
C ASP B 240 -23.91 -26.69 -8.35
N VAL B 241 -23.82 -27.53 -9.39
CA VAL B 241 -23.31 -27.06 -10.67
C VAL B 241 -24.20 -25.97 -11.24
N SER B 242 -25.52 -26.07 -11.01
CA SER B 242 -26.47 -25.16 -11.63
C SER B 242 -26.17 -23.71 -11.29
N ILE B 243 -25.68 -23.45 -10.07
CA ILE B 243 -25.41 -22.08 -9.66
C ILE B 243 -24.30 -21.46 -10.51
N LEU B 244 -23.36 -22.28 -10.98
CA LEU B 244 -22.17 -21.79 -11.67
C LEU B 244 -22.32 -21.71 -13.19
N ILE B 245 -23.32 -22.39 -13.75
CA ILE B 245 -23.51 -22.35 -15.21
C ILE B 245 -23.71 -20.93 -15.73
N PRO B 246 -24.50 -20.05 -15.08
CA PRO B 246 -24.56 -18.66 -15.56
C PRO B 246 -23.31 -17.84 -15.27
N ILE B 247 -22.33 -18.41 -14.57
CA ILE B 247 -21.18 -17.67 -14.05
C ILE B 247 -19.91 -17.99 -14.81
N ILE B 248 -19.66 -19.29 -15.06
CA ILE B 248 -18.43 -19.75 -15.72
C ILE B 248 -18.72 -20.02 -17.19
N ALA B 249 -17.82 -19.55 -18.07
CA ALA B 249 -17.93 -19.74 -19.52
C ALA B 249 -17.04 -20.84 -20.06
N LEU B 250 -15.88 -21.07 -19.45
CA LEU B 250 -14.94 -22.09 -19.91
C LEU B 250 -14.29 -22.72 -18.69
N MET B 251 -13.96 -24.02 -18.79
CA MET B 251 -13.21 -24.73 -17.74
C MET B 251 -11.88 -25.22 -18.29
N VAL B 252 -10.88 -25.26 -17.42
CA VAL B 252 -9.61 -25.88 -17.75
C VAL B 252 -9.78 -27.38 -17.65
N TYR B 253 -9.09 -28.11 -18.53
CA TYR B 253 -9.13 -29.56 -18.49
C TYR B 253 -8.48 -30.02 -17.20
N ARG B 254 -9.28 -30.56 -16.29
CA ARG B 254 -8.80 -31.12 -15.03
C ARG B 254 -8.98 -32.63 -14.93
N CYS B 255 -10.03 -33.18 -15.55
CA CYS B 255 -10.34 -34.60 -15.45
C CYS B 255 -10.72 -35.10 -16.84
N ALA B 256 -10.76 -36.43 -16.98
CA ALA B 256 -11.31 -37.01 -18.19
C ALA B 256 -12.84 -37.15 -18.09
N PRO B 257 -13.53 -37.33 -19.23
CA PRO B 257 -14.95 -37.68 -19.20
C PRO B 257 -15.13 -39.19 -19.08
N GLN C 1 9.62 37.91 7.66
CA GLN C 1 10.94 37.54 8.16
C GLN C 1 11.76 36.85 7.07
N LEU C 2 11.26 36.89 5.83
CA LEU C 2 11.91 36.26 4.70
C LEU C 2 12.39 37.33 3.73
N VAL C 3 13.69 37.34 3.46
CA VAL C 3 14.29 38.30 2.55
C VAL C 3 14.76 37.54 1.31
N GLU C 4 14.06 37.75 0.19
CA GLU C 4 14.42 37.13 -1.07
C GLU C 4 15.34 38.03 -1.89
N THR C 5 16.31 37.42 -2.56
CA THR C 5 17.10 38.12 -3.56
C THR C 5 16.97 37.35 -4.86
N GLY C 6 17.32 38.00 -5.95
CA GLY C 6 17.33 37.35 -7.24
C GLY C 6 16.11 37.69 -8.06
N GLY C 7 16.05 37.07 -9.22
CA GLY C 7 14.97 37.26 -10.17
C GLY C 7 15.37 38.16 -11.32
N GLY C 8 14.58 38.12 -12.38
CA GLY C 8 14.84 38.98 -13.51
C GLY C 8 14.23 38.41 -14.78
N LEU C 9 14.76 38.88 -15.89
CA LEU C 9 14.36 38.43 -17.22
C LEU C 9 15.62 37.93 -17.93
N VAL C 10 15.54 36.72 -18.49
CA VAL C 10 16.62 36.16 -19.29
C VAL C 10 16.05 35.60 -20.59
N GLN C 11 16.94 35.29 -21.48
CA GLN C 11 16.70 34.62 -22.74
C GLN C 11 16.79 33.12 -22.54
N PRO C 12 16.25 32.31 -23.45
CA PRO C 12 16.33 30.86 -23.28
C PRO C 12 17.80 30.41 -23.19
N GLY C 13 18.06 29.48 -22.26
CA GLY C 13 19.40 29.07 -21.94
C GLY C 13 20.11 29.91 -20.90
N GLY C 14 19.56 31.05 -20.51
CA GLY C 14 20.16 31.89 -19.49
C GLY C 14 20.04 31.29 -18.11
N SER C 15 20.49 32.05 -17.12
CA SER C 15 20.50 31.55 -15.76
C SER C 15 20.16 32.65 -14.76
N LEU C 16 19.41 32.27 -13.74
CA LEU C 16 19.10 33.10 -12.58
C LEU C 16 19.47 32.33 -11.31
N ARG C 17 19.74 33.08 -10.25
CA ARG C 17 19.94 32.49 -8.93
C ARG C 17 19.09 33.23 -7.91
N LEU C 18 18.18 32.51 -7.26
CA LEU C 18 17.32 33.04 -6.21
C LEU C 18 17.84 32.64 -4.84
N SER C 19 17.59 33.49 -3.85
CA SER C 19 17.96 33.24 -2.48
C SER C 19 16.85 33.76 -1.57
N CYS C 20 16.70 33.14 -0.40
CA CYS C 20 15.74 33.61 0.60
C CYS C 20 16.20 33.18 1.99
N ALA C 21 16.38 34.16 2.87
CA ALA C 21 16.86 33.95 4.23
C ALA C 21 15.76 34.23 5.26
N ALA C 22 15.67 33.35 6.26
CA ALA C 22 14.67 33.43 7.32
C ALA C 22 15.30 33.89 8.63
N SER C 23 14.58 34.76 9.35
CA SER C 23 15.04 35.31 10.62
C SER C 23 13.89 35.27 11.61
N GLY C 24 14.20 35.30 12.90
CA GLY C 24 13.15 35.36 13.89
C GLY C 24 12.94 34.07 14.67
N SER C 25 11.70 33.61 14.78
CA SER C 25 11.37 32.40 15.54
C SER C 25 11.46 31.18 14.63
N ILE C 26 12.70 30.72 14.42
CA ILE C 26 12.91 29.54 13.60
C ILE C 26 13.80 28.54 14.33
N PHE C 27 13.45 28.27 15.59
CA PHE C 27 14.12 27.20 16.33
C PHE C 27 13.84 25.83 15.73
N SER C 28 12.58 25.53 15.44
CA SER C 28 12.19 24.27 14.85
C SER C 28 11.95 24.41 13.34
N ILE C 29 12.79 25.19 12.66
CA ILE C 29 12.64 25.35 11.22
C ILE C 29 12.82 24.01 10.52
N ASN C 30 11.99 23.75 9.52
CA ASN C 30 12.10 22.51 8.78
C ASN C 30 12.50 22.77 7.33
N ALA C 31 11.61 22.50 6.38
CA ALA C 31 11.98 22.50 4.98
C ALA C 31 11.79 23.89 4.40
N MET C 32 12.79 24.37 3.67
CA MET C 32 12.69 25.61 2.90
C MET C 32 12.68 25.28 1.42
N GLY C 33 11.93 26.07 0.66
CA GLY C 33 11.78 25.75 -0.74
C GLY C 33 11.22 26.91 -1.54
N TRP C 34 10.92 26.60 -2.79
CA TRP C 34 10.49 27.57 -3.79
C TRP C 34 9.26 27.05 -4.51
N TYR C 35 8.24 27.87 -4.58
CA TYR C 35 7.06 27.61 -5.40
C TYR C 35 7.04 28.56 -6.58
N ARG C 36 6.28 28.22 -7.61
CA ARG C 36 6.10 29.10 -8.77
C ARG C 36 4.64 29.09 -9.18
N GLN C 37 4.15 30.24 -9.63
CA GLN C 37 2.79 30.36 -10.13
C GLN C 37 2.81 31.23 -11.38
N ALA C 38 2.29 30.70 -12.47
CA ALA C 38 2.07 31.53 -13.63
C ALA C 38 0.61 31.96 -13.70
N PRO C 39 0.31 33.02 -14.46
CA PRO C 39 -1.10 33.46 -14.57
C PRO C 39 -2.00 32.32 -15.07
N GLY C 40 -3.18 32.22 -14.46
CA GLY C 40 -4.15 31.22 -14.84
C GLY C 40 -3.92 29.85 -14.22
N GLU C 42 -2.11 27.05 -11.69
CA GLU C 42 -1.98 26.80 -10.25
C GLU C 42 -0.56 26.95 -9.72
N ARG C 43 -0.49 27.21 -8.41
CA ARG C 43 0.79 27.30 -7.72
C ARG C 43 1.41 25.92 -7.61
N GLU C 44 2.70 25.81 -7.94
CA GLU C 44 3.37 24.52 -8.04
C GLU C 44 4.70 24.55 -7.29
N LEU C 45 5.00 23.45 -6.59
CA LEU C 45 6.29 23.32 -5.91
C LEU C 45 7.40 23.13 -6.92
N VAL C 46 8.43 23.98 -6.86
CA VAL C 46 9.59 23.84 -7.73
C VAL C 46 10.64 22.95 -7.08
N ALA C 47 10.98 23.24 -5.82
CA ALA C 47 12.01 22.52 -5.10
C ALA C 47 11.95 22.91 -3.63
N ASP C 48 12.25 21.95 -2.77
CA ASP C 48 12.44 22.24 -1.36
C ASP C 48 13.60 21.39 -0.84
N ILE C 49 14.10 21.75 0.34
CA ILE C 49 15.24 21.05 0.91
C ILE C 49 15.12 21.11 2.43
N SER C 50 15.23 19.95 3.07
CA SER C 50 15.25 19.92 4.53
C SER C 50 16.64 20.31 5.03
N SER C 51 16.71 20.64 6.33
CA SER C 51 18.02 20.91 6.91
C SER C 51 18.88 19.65 6.94
N SER C 52 18.25 18.48 6.79
CA SER C 52 18.91 17.18 6.89
C SER C 52 19.32 16.61 5.53
N GLY C 53 19.00 17.29 4.43
CA GLY C 53 19.50 16.90 3.13
C GLY C 53 18.47 16.37 2.15
N ARG C 54 17.21 16.20 2.55
CA ARG C 54 16.20 15.71 1.64
C ARG C 54 15.83 16.80 0.64
N ILE C 55 15.80 16.46 -0.64
CA ILE C 55 15.45 17.38 -1.70
C ILE C 55 14.26 16.81 -2.44
N ASN C 56 13.22 17.63 -2.61
CA ASN C 56 12.15 17.37 -3.56
C ASN C 56 12.32 18.34 -4.71
N GLU C 57 12.01 17.87 -5.92
CA GLU C 57 12.17 18.70 -7.10
C GLU C 57 11.13 18.29 -8.14
N ALA C 58 10.55 19.28 -8.81
CA ALA C 58 9.63 18.98 -9.90
C ALA C 58 10.38 18.35 -11.05
N ASP C 59 9.81 17.28 -11.62
CA ASP C 59 10.45 16.62 -12.76
C ASP C 59 10.80 17.62 -13.86
N SER C 60 9.94 18.63 -14.06
CA SER C 60 10.16 19.62 -15.11
C SER C 60 11.53 20.27 -15.04
N VAL C 61 12.12 20.36 -13.85
CA VAL C 61 13.35 21.13 -13.66
C VAL C 61 14.53 20.28 -13.21
N LYS C 62 14.36 18.96 -13.09
CA LYS C 62 15.49 18.11 -12.74
C LYS C 62 16.63 18.30 -13.74
N GLY C 63 17.86 18.37 -13.22
CA GLY C 63 19.02 18.54 -14.06
C GLY C 63 19.24 19.95 -14.58
N ARG C 64 18.33 20.88 -14.29
CA ARG C 64 18.49 22.28 -14.65
C ARG C 64 18.55 23.20 -13.44
N PHE C 65 17.68 23.00 -12.46
CA PHE C 65 17.67 23.78 -11.23
C PHE C 65 18.36 23.00 -10.12
N THR C 66 19.13 23.69 -9.30
CA THR C 66 19.81 23.08 -8.16
C THR C 66 19.52 23.87 -6.90
N ILE C 67 18.83 23.24 -5.95
CA ILE C 67 18.53 23.89 -4.67
C ILE C 67 19.60 23.50 -3.66
N SER C 68 19.98 24.46 -2.81
CA SER C 68 20.94 24.18 -1.75
C SER C 68 20.58 25.03 -0.55
N ARG C 69 21.22 24.73 0.58
CA ARG C 69 20.83 25.35 1.83
C ARG C 69 22.07 25.56 2.70
N ASP C 70 22.12 26.71 3.35
CA ASP C 70 23.12 27.02 4.36
C ASP C 70 22.35 27.07 5.68
N ASN C 71 22.50 26.01 6.48
CA ASN C 71 21.72 25.90 7.71
C ASN C 71 22.09 26.98 8.71
N ALA C 72 23.36 27.40 8.73
CA ALA C 72 23.79 28.43 9.66
C ALA C 72 23.12 29.77 9.37
N LYS C 73 22.88 30.08 8.10
CA LYS C 73 22.24 31.33 7.71
C LYS C 73 20.73 31.21 7.58
N ASN C 74 20.17 30.01 7.76
CA ASN C 74 18.77 29.73 7.48
C ASN C 74 18.39 30.27 6.12
N THR C 75 19.26 30.06 5.14
CA THR C 75 19.07 30.56 3.78
C THR C 75 19.07 29.41 2.79
N VAL C 76 18.16 29.49 1.83
CA VAL C 76 18.05 28.52 0.74
C VAL C 76 18.30 29.24 -0.57
N TYR C 77 19.02 28.59 -1.48
CA TYR C 77 19.38 29.14 -2.77
C TYR C 77 18.79 28.27 -3.87
N LEU C 78 18.51 28.87 -5.03
CA LEU C 78 18.02 28.11 -6.18
C LEU C 78 18.78 28.57 -7.43
N GLN C 79 19.74 27.76 -7.85
CA GLN C 79 20.48 28.03 -9.08
C GLN C 79 19.65 27.51 -10.25
N MET C 80 19.14 28.43 -11.07
CA MET C 80 18.29 28.10 -12.21
C MET C 80 19.09 28.28 -13.49
N ASN C 81 19.57 27.18 -14.05
CA ASN C 81 20.29 27.17 -15.31
C ASN C 81 19.42 26.56 -16.41
N SER C 82 19.87 26.73 -17.66
CA SER C 82 19.16 26.23 -18.84
C SER C 82 17.69 26.64 -18.81
N LEU C 83 17.44 27.90 -18.48
CA LEU C 83 16.07 28.38 -18.34
C LEU C 83 15.32 28.30 -19.66
N LYS C 84 14.05 27.96 -19.58
CA LYS C 84 13.18 27.79 -20.73
C LYS C 84 11.96 28.71 -20.60
N PRO C 85 11.28 29.01 -21.70
CA PRO C 85 10.08 29.87 -21.60
C PRO C 85 9.02 29.34 -20.65
N GLU C 86 8.96 28.02 -20.43
CA GLU C 86 7.98 27.44 -19.52
C GLU C 86 8.27 27.77 -18.06
N ASP C 87 9.47 28.24 -17.77
CA ASP C 87 9.82 28.58 -16.39
C ASP C 87 9.33 29.96 -15.98
N THR C 88 8.65 30.68 -16.87
CA THR C 88 8.14 32.01 -16.55
C THR C 88 7.00 31.91 -15.54
N ALA C 89 7.13 32.63 -14.42
CA ALA C 89 6.15 32.63 -13.34
C ALA C 89 6.67 33.58 -12.24
N VAL C 90 5.82 33.82 -11.25
CA VAL C 90 6.26 34.45 -10.01
C VAL C 90 6.68 33.36 -9.04
N TYR C 91 7.92 33.43 -8.56
CA TYR C 91 8.47 32.43 -7.65
C TYR C 91 8.45 32.94 -6.22
N TYR C 92 7.97 32.09 -5.30
CA TYR C 92 7.89 32.41 -3.88
C TYR C 92 8.78 31.45 -3.10
N CYS C 93 9.58 31.97 -2.18
CA CYS C 93 10.20 31.07 -1.22
C CYS C 93 9.18 30.69 -0.16
N ASN C 94 9.36 29.50 0.39
CA ASN C 94 8.44 28.92 1.34
C ASN C 94 9.25 28.37 2.49
N VAL C 95 8.77 28.57 3.72
CA VAL C 95 9.48 28.12 4.92
C VAL C 95 8.49 27.42 5.84
N LEU C 96 8.76 26.17 6.15
CA LEU C 96 7.99 25.40 7.13
C LEU C 96 8.77 25.30 8.43
N ALA C 97 8.04 25.30 9.54
CA ALA C 97 8.64 25.21 10.86
C ALA C 97 7.60 24.64 11.81
N GLY C 98 8.09 24.06 12.91
CA GLY C 98 7.20 23.58 13.94
C GLY C 98 7.76 22.39 14.71
N SER C 99 7.68 22.47 16.03
CA SER C 99 8.05 21.33 16.86
C SER C 99 6.92 20.31 16.92
N HIS C 100 5.66 20.78 16.95
CA HIS C 100 4.51 19.92 17.17
C HIS C 100 4.10 19.13 15.92
N TYR C 101 4.31 19.69 14.74
CA TYR C 101 4.18 18.94 13.49
C TYR C 101 4.93 19.71 12.42
N TYR C 102 5.17 19.03 11.30
CA TYR C 102 6.15 19.50 10.32
C TYR C 102 5.76 20.85 9.74
N ASP C 103 4.49 21.04 9.41
CA ASP C 103 4.02 22.25 8.75
C ASP C 103 3.11 23.07 9.66
N GLU C 104 3.42 23.06 10.97
CA GLU C 104 2.66 23.86 11.93
C GLU C 104 2.68 25.32 11.55
N TYR C 105 3.84 25.84 11.18
CA TYR C 105 4.02 27.22 10.77
C TYR C 105 4.46 27.23 9.31
N GLU C 106 3.87 28.15 8.54
CA GLU C 106 4.23 28.28 7.13
C GLU C 106 4.34 29.76 6.79
N TYR C 107 5.46 30.15 6.18
CA TYR C 107 5.73 31.53 5.83
C TYR C 107 6.00 31.62 4.34
N TRP C 108 5.40 32.62 3.69
CA TRP C 108 5.54 32.82 2.26
C TRP C 108 6.34 34.08 1.99
N GLY C 109 7.21 34.01 0.98
CA GLY C 109 7.88 35.18 0.48
C GLY C 109 6.95 36.07 -0.32
N GLN C 110 7.46 37.24 -0.67
CA GLN C 110 6.67 38.22 -1.40
C GLN C 110 6.57 37.90 -2.88
N GLY C 111 7.38 36.98 -3.38
CA GLY C 111 7.32 36.62 -4.79
C GLY C 111 8.19 37.50 -5.65
N THR C 112 9.03 36.91 -6.48
CA THR C 112 9.85 37.65 -7.44
C THR C 112 9.59 37.11 -8.83
N GLN C 113 9.54 38.02 -9.80
CA GLN C 113 9.18 37.66 -11.17
C GLN C 113 10.37 37.05 -11.91
N VAL C 114 10.12 35.91 -12.56
CA VAL C 114 11.09 35.29 -13.46
C VAL C 114 10.43 35.14 -14.83
N THR C 115 11.09 35.65 -15.85
CA THR C 115 10.57 35.60 -17.22
C THR C 115 11.66 35.13 -18.16
N VAL C 116 11.32 34.17 -19.03
CA VAL C 116 12.25 33.64 -20.02
C VAL C 116 11.65 33.80 -21.41
N SER C 117 12.32 34.55 -22.27
CA SER C 117 11.89 34.71 -23.66
C SER C 117 13.00 35.33 -24.51
N GLN D 1 5.13 -31.38 1.39
CA GLN D 1 6.21 -30.40 1.55
C GLN D 1 5.83 -29.30 2.54
N LEU D 2 4.76 -29.54 3.30
CA LEU D 2 4.25 -28.58 4.28
C LEU D 2 4.45 -29.13 5.69
N VAL D 3 5.15 -28.36 6.53
CA VAL D 3 5.46 -28.75 7.90
C VAL D 3 4.67 -27.88 8.86
N GLU D 4 3.65 -28.46 9.50
CA GLU D 4 2.85 -27.75 10.49
C GLU D 4 3.41 -27.95 11.88
N THR D 5 3.55 -26.87 12.63
CA THR D 5 3.91 -26.91 14.04
C THR D 5 3.01 -25.99 14.85
N GLY D 6 3.02 -26.18 16.17
CA GLY D 6 2.34 -25.27 17.05
C GLY D 6 0.99 -25.74 17.59
N GLY D 7 0.46 -26.85 17.09
CA GLY D 7 -0.79 -27.37 17.63
C GLY D 7 -0.62 -27.78 19.08
N GLY D 8 -1.75 -28.03 19.75
CA GLY D 8 -1.67 -28.49 21.12
C GLY D 8 -2.96 -28.26 21.88
N LEU D 9 -2.82 -28.19 23.19
CA LEU D 9 -3.91 -27.96 24.13
C LEU D 9 -3.62 -26.74 25.00
N VAL D 10 -4.60 -25.85 25.12
CA VAL D 10 -4.56 -24.73 26.05
C VAL D 10 -5.90 -24.67 26.78
N GLN D 11 -5.94 -23.85 27.82
CA GLN D 11 -7.16 -23.57 28.56
C GLN D 11 -7.89 -22.40 27.89
N PRO D 12 -9.19 -22.24 28.17
CA PRO D 12 -9.93 -21.13 27.54
C PRO D 12 -9.30 -19.78 27.87
N GLY D 13 -9.24 -18.92 26.86
CA GLY D 13 -8.52 -17.68 26.98
C GLY D 13 -7.04 -17.79 26.68
N GLY D 14 -6.53 -19.01 26.56
CA GLY D 14 -5.14 -19.21 26.23
C GLY D 14 -4.86 -18.87 24.78
N SER D 15 -3.62 -19.12 24.39
CA SER D 15 -3.19 -18.76 23.04
C SER D 15 -2.23 -19.81 22.51
N LEU D 16 -2.37 -20.09 21.23
CA LEU D 16 -1.45 -20.92 20.46
C LEU D 16 -1.06 -20.14 19.21
N ARG D 17 0.10 -20.50 18.66
CA ARG D 17 0.49 -20.00 17.35
C ARG D 17 0.81 -21.19 16.47
N LEU D 18 0.11 -21.28 15.34
CA LEU D 18 0.39 -22.32 14.38
C LEU D 18 1.36 -21.81 13.34
N SER D 19 2.16 -22.73 12.80
CA SER D 19 3.13 -22.39 11.79
C SER D 19 3.10 -23.43 10.68
N CYS D 20 3.41 -22.99 9.47
CA CYS D 20 3.48 -23.88 8.32
C CYS D 20 4.47 -23.30 7.32
N ALA D 21 5.52 -24.05 7.03
CA ALA D 21 6.55 -23.64 6.09
C ALA D 21 6.45 -24.46 4.82
N ALA D 22 6.54 -23.78 3.67
CA ALA D 22 6.45 -24.43 2.37
C ALA D 22 7.84 -24.50 1.77
N SER D 23 8.20 -25.67 1.24
CA SER D 23 9.53 -25.90 0.69
C SER D 23 9.44 -26.69 -0.62
N GLY D 24 10.49 -26.54 -1.43
CA GLY D 24 10.63 -27.30 -2.65
C GLY D 24 10.43 -26.49 -3.90
N SER D 25 9.72 -27.05 -4.87
CA SER D 25 9.43 -26.39 -6.15
C SER D 25 8.11 -25.64 -6.02
N ILE D 26 8.18 -24.42 -5.48
CA ILE D 26 6.99 -23.62 -5.30
C ILE D 26 7.19 -22.28 -6.01
N PHE D 27 7.54 -22.33 -7.28
CA PHE D 27 7.56 -21.12 -8.08
C PHE D 27 6.12 -20.65 -8.24
N SER D 28 5.92 -19.33 -8.23
CA SER D 28 4.59 -18.73 -8.40
C SER D 28 3.65 -19.08 -7.25
N ILE D 29 4.20 -19.11 -6.03
CA ILE D 29 3.36 -19.33 -4.86
C ILE D 29 2.40 -18.15 -4.71
N ASN D 30 1.16 -18.45 -4.33
CA ASN D 30 0.19 -17.39 -4.10
C ASN D 30 -0.24 -17.42 -2.64
N ALA D 31 -1.51 -17.74 -2.39
CA ALA D 31 -2.09 -17.56 -1.07
C ALA D 31 -1.79 -18.76 -0.19
N MET D 32 -1.36 -18.50 1.04
CA MET D 32 -1.24 -19.54 2.04
C MET D 32 -2.31 -19.31 3.10
N GLY D 33 -2.80 -20.39 3.70
CA GLY D 33 -3.86 -20.20 4.63
C GLY D 33 -4.09 -21.37 5.56
N TRP D 34 -5.14 -21.24 6.36
CA TRP D 34 -5.45 -22.21 7.39
C TRP D 34 -6.93 -22.56 7.30
N TYR D 35 -7.19 -23.85 7.27
CA TYR D 35 -8.52 -24.43 7.39
C TYR D 35 -8.61 -25.17 8.71
N ARG D 36 -9.84 -25.40 9.17
CA ARG D 36 -10.05 -26.22 10.35
C ARG D 36 -11.26 -27.12 10.11
N GLN D 37 -11.15 -28.36 10.57
CA GLN D 37 -12.24 -29.33 10.44
C GLN D 37 -12.39 -30.09 11.74
N ALA D 38 -13.59 -30.03 12.30
CA ALA D 38 -14.05 -30.86 13.39
C ALA D 38 -14.91 -32.00 12.82
N PRO D 39 -15.20 -33.05 13.62
CA PRO D 39 -16.00 -34.15 13.07
C PRO D 39 -17.31 -33.73 12.41
N LYS D 41 -19.83 -31.48 10.28
CA LYS D 41 -18.91 -30.37 10.23
C LYS D 41 -17.93 -30.47 9.05
N GLU D 42 -18.03 -29.51 8.15
CA GLU D 42 -17.20 -29.45 6.95
C GLU D 42 -15.93 -28.64 7.23
N ARG D 43 -14.92 -28.84 6.39
CA ARG D 43 -13.70 -28.07 6.53
C ARG D 43 -13.97 -26.61 6.19
N GLU D 44 -13.47 -25.71 7.03
CA GLU D 44 -13.81 -24.30 6.96
C GLU D 44 -12.52 -23.49 6.85
N LEU D 45 -12.54 -22.49 5.98
CA LEU D 45 -11.42 -21.59 5.87
C LEU D 45 -11.38 -20.70 7.10
N VAL D 46 -10.24 -20.68 7.79
CA VAL D 46 -10.08 -19.81 8.94
C VAL D 46 -9.54 -18.47 8.52
N ALA D 47 -8.51 -18.47 7.67
CA ALA D 47 -7.83 -17.26 7.24
C ALA D 47 -6.87 -17.62 6.12
N ASP D 48 -6.70 -16.71 5.18
CA ASP D 48 -5.62 -16.85 4.21
C ASP D 48 -4.99 -15.49 3.97
N ILE D 49 -3.81 -15.52 3.37
CA ILE D 49 -3.04 -14.30 3.18
C ILE D 49 -2.21 -14.44 1.93
N SER D 50 -2.33 -13.45 1.04
CA SER D 50 -1.50 -13.41 -0.14
C SER D 50 -0.12 -12.89 0.24
N SER D 51 0.84 -13.07 -0.67
CA SER D 51 2.15 -12.44 -0.49
C SER D 51 2.08 -10.93 -0.65
N SER D 52 1.01 -10.41 -1.26
CA SER D 52 0.88 -9.02 -1.66
C SER D 52 0.05 -8.15 -0.71
N GLY D 53 -0.52 -8.71 0.34
CA GLY D 53 -1.25 -7.91 1.31
C GLY D 53 -2.73 -8.25 1.47
N ARG D 54 -3.30 -9.18 0.72
CA ARG D 54 -4.71 -9.53 0.94
C ARG D 54 -4.88 -10.50 2.10
N ILE D 55 -5.80 -10.16 3.01
CA ILE D 55 -6.11 -11.03 4.15
C ILE D 55 -7.59 -11.33 4.14
N ASN D 56 -7.93 -12.61 4.25
CA ASN D 56 -9.28 -13.06 4.57
C ASN D 56 -9.30 -13.71 5.95
N GLU D 57 -10.42 -13.54 6.67
CA GLU D 57 -10.58 -14.13 7.99
C GLU D 57 -12.05 -14.47 8.20
N ALA D 58 -12.29 -15.61 8.83
CA ALA D 58 -13.66 -15.98 9.19
C ALA D 58 -14.18 -15.03 10.26
N ASP D 59 -15.42 -14.57 10.08
CA ASP D 59 -16.03 -13.68 11.07
C ASP D 59 -15.96 -14.28 12.46
N SER D 60 -16.10 -15.60 12.57
CA SER D 60 -16.04 -16.30 13.85
C SER D 60 -14.76 -16.01 14.63
N VAL D 61 -13.67 -15.70 13.93
CA VAL D 61 -12.37 -15.54 14.56
C VAL D 61 -11.83 -14.11 14.46
N LYS D 62 -12.60 -13.17 13.90
CA LYS D 62 -12.13 -11.80 13.78
C LYS D 62 -11.75 -11.22 15.13
N GLY D 63 -10.62 -10.53 15.17
CA GLY D 63 -10.11 -9.90 16.37
C GLY D 63 -9.44 -10.82 17.37
N ARG D 64 -9.47 -12.13 17.15
CA ARG D 64 -8.84 -13.12 18.03
C ARG D 64 -7.71 -13.87 17.36
N PHE D 65 -7.92 -14.31 16.12
CA PHE D 65 -6.90 -14.97 15.32
C PHE D 65 -6.30 -13.95 14.38
N THR D 66 -4.98 -13.95 14.28
CA THR D 66 -4.25 -13.00 13.43
C THR D 66 -3.34 -13.81 12.53
N ILE D 67 -3.58 -13.74 11.23
CA ILE D 67 -2.75 -14.47 10.26
C ILE D 67 -1.60 -13.57 9.85
N SER D 68 -0.44 -14.17 9.64
CA SER D 68 0.73 -13.42 9.21
C SER D 68 1.55 -14.31 8.30
N ARG D 69 2.54 -13.72 7.65
CA ARG D 69 3.27 -14.43 6.62
C ARG D 69 4.70 -13.92 6.62
N ASP D 70 5.65 -14.81 6.36
CA ASP D 70 7.03 -14.40 6.10
C ASP D 70 7.33 -14.82 4.67
N ASN D 71 7.37 -13.82 3.77
CA ASN D 71 7.49 -14.15 2.35
C ASN D 71 8.85 -14.76 2.01
N ALA D 72 9.92 -14.34 2.68
CA ALA D 72 11.23 -14.90 2.39
C ALA D 72 11.31 -16.37 2.77
N LYS D 73 10.64 -16.74 3.86
CA LYS D 73 10.64 -18.11 4.37
C LYS D 73 9.49 -18.96 3.84
N ASN D 74 8.60 -18.39 3.02
CA ASN D 74 7.40 -19.09 2.55
C ASN D 74 6.68 -19.80 3.70
N THR D 75 6.53 -19.08 4.80
CA THR D 75 5.91 -19.59 6.01
C THR D 75 4.70 -18.73 6.36
N VAL D 76 3.62 -19.38 6.77
CA VAL D 76 2.41 -18.69 7.20
C VAL D 76 2.17 -19.03 8.66
N TYR D 77 1.75 -18.03 9.43
CA TYR D 77 1.51 -18.19 10.85
C TYR D 77 0.07 -17.87 11.17
N LEU D 78 -0.45 -18.50 12.23
CA LEU D 78 -1.80 -18.21 12.70
C LEU D 78 -1.70 -18.00 14.21
N GLN D 79 -1.70 -16.73 14.61
CA GLN D 79 -1.68 -16.38 16.03
C GLN D 79 -3.10 -16.46 16.55
N MET D 80 -3.36 -17.45 17.38
CA MET D 80 -4.69 -17.70 17.92
C MET D 80 -4.69 -17.26 19.37
N ASN D 81 -5.29 -16.11 19.65
CA ASN D 81 -5.48 -15.65 21.02
C ASN D 81 -6.96 -15.74 21.39
N SER D 82 -7.24 -15.58 22.67
CA SER D 82 -8.61 -15.65 23.20
C SER D 82 -9.32 -16.92 22.75
N LEU D 83 -8.63 -18.06 22.88
CA LEU D 83 -9.20 -19.33 22.46
C LEU D 83 -10.37 -19.72 23.34
N LYS D 84 -11.39 -20.29 22.71
CA LYS D 84 -12.59 -20.78 23.36
C LYS D 84 -12.76 -22.24 22.98
N PRO D 85 -13.53 -23.00 23.76
CA PRO D 85 -13.70 -24.43 23.43
C PRO D 85 -14.23 -24.69 22.03
N GLU D 86 -14.98 -23.75 21.46
CA GLU D 86 -15.49 -23.93 20.10
C GLU D 86 -14.42 -23.89 19.03
N ASP D 87 -13.22 -23.40 19.35
CA ASP D 87 -12.13 -23.39 18.38
C ASP D 87 -11.41 -24.74 18.27
N THR D 88 -11.83 -25.74 19.03
CA THR D 88 -11.20 -27.06 18.97
C THR D 88 -11.52 -27.74 17.64
N ALA D 89 -10.48 -28.19 16.95
CA ALA D 89 -10.61 -28.83 15.64
C ALA D 89 -9.21 -29.23 15.16
N VAL D 90 -9.18 -29.93 14.03
CA VAL D 90 -7.94 -30.18 13.31
C VAL D 90 -7.72 -29.02 12.33
N TYR D 91 -6.58 -28.35 12.46
CA TYR D 91 -6.27 -27.22 11.60
C TYR D 91 -5.32 -27.69 10.51
N TYR D 92 -5.61 -27.34 9.26
CA TYR D 92 -4.79 -27.70 8.12
C TYR D 92 -4.22 -26.46 7.47
N CYS D 93 -2.92 -26.50 7.17
CA CYS D 93 -2.30 -25.52 6.31
C CYS D 93 -2.62 -25.83 4.85
N ASN D 94 -2.75 -24.77 4.07
CA ASN D 94 -3.11 -24.88 2.67
C ASN D 94 -2.26 -23.89 1.89
N VAL D 95 -1.78 -24.32 0.72
CA VAL D 95 -0.91 -23.48 -0.10
C VAL D 95 -1.39 -23.56 -1.53
N LEU D 96 -1.72 -22.41 -2.11
CA LEU D 96 -2.06 -22.32 -3.52
C LEU D 96 -0.86 -21.79 -4.31
N ALA D 97 -0.72 -22.27 -5.55
CA ALA D 97 0.38 -21.82 -6.40
C ALA D 97 -0.02 -22.00 -7.85
N GLY D 98 0.63 -21.23 -8.72
CA GLY D 98 0.44 -21.36 -10.16
C GLY D 98 0.57 -20.06 -10.93
N SER D 99 1.36 -20.08 -12.02
CA SER D 99 1.41 -18.91 -12.89
C SER D 99 0.21 -18.87 -13.83
N HIS D 100 -0.25 -20.04 -14.28
CA HIS D 100 -1.28 -20.08 -15.32
C HIS D 100 -2.65 -19.75 -14.77
N TYR D 101 -2.92 -20.11 -13.50
CA TYR D 101 -4.10 -19.63 -12.79
C TYR D 101 -3.82 -19.80 -11.30
N TYR D 102 -4.63 -19.10 -10.50
CA TYR D 102 -4.26 -18.85 -9.11
C TYR D 102 -4.13 -20.13 -8.29
N ASP D 103 -5.06 -21.06 -8.48
CA ASP D 103 -5.15 -22.29 -7.72
C ASP D 103 -4.84 -23.51 -8.56
N GLU D 104 -3.92 -23.38 -9.53
CA GLU D 104 -3.53 -24.50 -10.36
C GLU D 104 -2.99 -25.65 -9.51
N TYR D 105 -2.12 -25.35 -8.57
CA TYR D 105 -1.56 -26.34 -7.66
C TYR D 105 -2.04 -25.99 -6.26
N GLU D 106 -2.45 -27.00 -5.52
CA GLU D 106 -2.92 -26.82 -4.15
C GLU D 106 -2.32 -27.90 -3.28
N TYR D 107 -1.68 -27.51 -2.18
CA TYR D 107 -1.00 -28.42 -1.28
C TYR D 107 -1.61 -28.30 0.11
N TRP D 108 -1.84 -29.44 0.75
CA TRP D 108 -2.46 -29.49 2.07
C TRP D 108 -1.48 -30.00 3.12
N GLY D 109 -1.53 -29.42 4.31
CA GLY D 109 -0.82 -30.02 5.42
C GLY D 109 -1.53 -31.27 5.91
N GLN D 110 -0.84 -32.01 6.77
CA GLN D 110 -1.39 -33.25 7.29
C GLN D 110 -2.40 -33.02 8.41
N GLY D 111 -2.49 -31.79 8.90
CA GLY D 111 -3.44 -31.46 9.95
C GLY D 111 -2.83 -31.63 11.33
N THR D 112 -3.01 -30.62 12.18
CA THR D 112 -2.54 -30.66 13.55
C THR D 112 -3.70 -30.37 14.50
N GLN D 113 -3.76 -31.11 15.60
CA GLN D 113 -4.90 -30.99 16.52
C GLN D 113 -4.73 -29.77 17.42
N VAL D 114 -5.79 -28.97 17.52
CA VAL D 114 -5.87 -27.86 18.47
C VAL D 114 -7.04 -28.13 19.41
N THR D 115 -6.77 -28.08 20.71
CA THR D 115 -7.79 -28.38 21.71
C THR D 115 -7.81 -27.31 22.80
N VAL D 116 -9.01 -26.84 23.14
CA VAL D 116 -9.25 -25.90 24.23
C VAL D 116 -10.14 -26.62 25.22
N SER D 117 -9.61 -26.89 26.41
CA SER D 117 -10.33 -27.62 27.45
C SER D 117 -11.62 -26.94 27.87
ZN ZN E . 8.13 -12.91 21.98
ZN ZN F . 14.91 28.11 23.94
ZN ZN G . 6.02 -6.28 33.14
ZN ZN H . -18.80 18.03 4.63
CL CL I . 2.10 13.30 34.86
CL CL J . 12.90 -9.56 21.16
ZN ZN K . -24.87 -32.27 -15.63
ZN ZN L . -13.10 7.26 -27.74
ZN ZN M . -28.55 -28.50 -9.74
CL CL N . 14.80 -19.77 -14.62
ZN ZN O . 2.06 23.88 18.53
ZN ZN P . -0.33 -24.86 -16.04
#